data_1TLE
#
_entry.id   1TLE
#
_cell.length_a   1.000
_cell.length_b   1.000
_cell.length_c   1.000
_cell.angle_alpha   90.00
_cell.angle_beta   90.00
_cell.angle_gamma   90.00
#
_symmetry.space_group_name_H-M   'P 1'
#
_entity_poly.entity_id   1
_entity_poly.type   'polypeptide(L)'
_entity_poly.pdbx_seq_one_letter_code
;RPCQCNDNIDPNAVGNCNRLTGECLKCIYNTAGFYCDRCKEGFFGNPLAPNPADKCKA
;
_entity_poly.pdbx_strand_id   A
#
# COMPACT_ATOMS: atom_id res chain seq x y z
N ARG A 1 -13.20 5.38 -0.59
CA ARG A 1 -12.43 4.57 0.38
C ARG A 1 -13.37 3.97 1.42
N PRO A 2 -13.74 2.72 1.22
CA PRO A 2 -14.65 2.01 2.13
C PRO A 2 -13.90 1.54 3.38
N CYS A 3 -12.70 1.04 3.20
CA CYS A 3 -11.91 0.58 4.37
C CYS A 3 -10.80 1.58 4.67
N GLN A 4 -10.63 1.95 5.92
CA GLN A 4 -9.56 2.92 6.27
C GLN A 4 -8.18 2.33 5.97
N CYS A 5 -7.30 3.09 5.38
CA CYS A 5 -5.95 2.57 5.07
C CYS A 5 -5.13 3.66 4.35
N ASN A 6 -3.82 3.57 4.40
CA ASN A 6 -2.99 4.59 3.72
C ASN A 6 -3.41 4.70 2.25
N ASP A 7 -2.91 5.69 1.55
CA ASP A 7 -3.29 5.85 0.12
C ASP A 7 -2.44 4.94 -0.78
N ASN A 8 -2.62 3.65 -0.68
CA ASN A 8 -1.83 2.72 -1.55
C ASN A 8 -2.71 1.54 -1.97
N ILE A 9 -3.77 1.80 -2.69
CA ILE A 9 -4.67 0.70 -3.12
C ILE A 9 -5.40 1.12 -4.40
N ASP A 10 -5.77 0.17 -5.21
CA ASP A 10 -6.48 0.52 -6.46
C ASP A 10 -7.96 0.12 -6.34
N PRO A 11 -8.84 1.05 -6.65
CA PRO A 11 -10.31 0.83 -6.57
C PRO A 11 -10.79 -0.02 -7.74
N ASN A 12 -9.94 -0.30 -8.68
CA ASN A 12 -10.36 -1.12 -9.85
C ASN A 12 -10.42 -2.60 -9.47
N ALA A 13 -9.29 -3.21 -9.22
CA ALA A 13 -9.28 -4.65 -8.85
C ALA A 13 -10.09 -4.84 -7.55
N VAL A 14 -10.37 -6.06 -7.21
CA VAL A 14 -11.16 -6.33 -5.96
C VAL A 14 -10.30 -7.16 -5.00
N GLY A 15 -10.55 -7.04 -3.71
CA GLY A 15 -9.74 -7.82 -2.73
C GLY A 15 -8.62 -6.93 -2.17
N ASN A 16 -8.38 -5.79 -2.77
CA ASN A 16 -7.29 -4.89 -2.28
C ASN A 16 -7.43 -4.63 -0.78
N CYS A 17 -8.57 -4.91 -0.20
CA CYS A 17 -8.73 -4.65 1.26
C CYS A 17 -9.10 -5.95 1.97
N ASN A 18 -8.72 -6.11 3.21
CA ASN A 18 -9.06 -7.35 3.97
C ASN A 18 -10.47 -7.19 4.55
N ARG A 19 -11.36 -8.08 4.21
CA ARG A 19 -12.76 -7.95 4.71
C ARG A 19 -12.86 -8.47 6.16
N LEU A 20 -11.81 -9.04 6.69
CA LEU A 20 -11.89 -9.55 8.09
C LEU A 20 -11.08 -8.68 9.05
N THR A 21 -9.87 -8.31 8.70
CA THR A 21 -9.06 -7.48 9.61
C THR A 21 -9.27 -5.99 9.31
N GLY A 22 -9.84 -5.66 8.16
CA GLY A 22 -10.05 -4.22 7.84
C GLY A 22 -8.69 -3.54 7.66
N GLU A 23 -7.90 -3.99 6.72
CA GLU A 23 -6.55 -3.39 6.51
C GLU A 23 -6.13 -3.66 5.06
N CYS A 24 -5.31 -2.84 4.47
CA CYS A 24 -4.90 -3.08 3.06
C CYS A 24 -4.38 -4.52 2.92
N LEU A 25 -5.01 -5.34 2.11
CA LEU A 25 -4.53 -6.75 1.93
C LEU A 25 -3.41 -6.77 0.89
N LYS A 26 -3.46 -5.90 -0.08
CA LYS A 26 -2.41 -5.89 -1.14
C LYS A 26 -2.10 -4.44 -1.56
N CYS A 27 -1.24 -3.73 -0.85
CA CYS A 27 -0.93 -2.33 -1.27
C CYS A 27 -0.51 -2.33 -2.74
N ILE A 28 -0.66 -1.22 -3.41
CA ILE A 28 -0.29 -1.18 -4.87
C ILE A 28 1.18 -0.86 -5.09
N TYR A 29 1.60 0.33 -4.75
CA TYR A 29 3.02 0.76 -4.98
C TYR A 29 4.03 -0.06 -4.16
N ASN A 30 4.33 -1.26 -4.59
CA ASN A 30 5.33 -2.13 -3.90
C ASN A 30 5.45 -1.79 -2.42
N THR A 31 4.36 -1.67 -1.73
CA THR A 31 4.44 -1.34 -0.28
C THR A 31 3.76 -2.43 0.54
N ALA A 32 4.21 -2.64 1.74
CA ALA A 32 3.59 -3.70 2.59
C ALA A 32 3.45 -3.19 4.03
N GLY A 33 2.77 -3.94 4.86
CA GLY A 33 2.59 -3.51 6.27
C GLY A 33 1.09 -3.35 6.57
N PHE A 34 0.73 -3.41 7.82
CA PHE A 34 -0.71 -3.25 8.17
C PHE A 34 -1.28 -1.97 7.57
N TYR A 35 -0.47 -0.94 7.39
CA TYR A 35 -1.00 0.33 6.82
C TYR A 35 -0.21 0.67 5.55
N CYS A 36 0.23 -0.31 4.82
CA CYS A 36 1.00 -0.02 3.57
C CYS A 36 2.11 0.99 3.89
N ASP A 37 2.56 1.01 5.11
CA ASP A 37 3.64 1.98 5.49
C ASP A 37 5.00 1.30 5.38
N ARG A 38 5.09 0.23 4.62
CA ARG A 38 6.39 -0.46 4.48
C ARG A 38 6.67 -0.71 3.00
N CYS A 39 7.73 -1.41 2.72
CA CYS A 39 8.11 -1.70 1.32
C CYS A 39 8.13 -3.22 1.12
N LYS A 40 7.58 -3.74 0.05
CA LYS A 40 7.57 -5.22 -0.14
C LYS A 40 9.00 -5.76 -0.07
N GLU A 41 9.15 -6.97 0.44
CA GLU A 41 10.51 -7.57 0.55
C GLU A 41 11.14 -7.69 -0.83
N GLY A 42 12.30 -7.12 -1.02
CA GLY A 42 12.95 -7.18 -2.36
C GLY A 42 13.17 -5.75 -2.79
N PHE A 43 12.28 -4.89 -2.41
CA PHE A 43 12.44 -3.47 -2.73
C PHE A 43 12.44 -2.66 -1.43
N PHE A 44 13.40 -1.83 -1.29
CA PHE A 44 13.51 -0.99 -0.07
C PHE A 44 13.44 0.48 -0.47
N GLY A 45 13.49 1.38 0.47
CA GLY A 45 13.41 2.82 0.13
C GLY A 45 12.31 3.49 0.95
N ASN A 46 11.63 4.42 0.36
CA ASN A 46 10.53 5.11 1.10
C ASN A 46 9.20 4.81 0.41
N PRO A 47 8.36 4.04 1.07
CA PRO A 47 7.05 3.66 0.52
C PRO A 47 6.05 4.81 0.70
N LEU A 48 6.41 5.82 1.43
CA LEU A 48 5.46 6.96 1.63
C LEU A 48 5.98 8.20 0.88
N ALA A 49 6.54 8.01 -0.27
CA ALA A 49 7.05 9.19 -1.04
C ALA A 49 5.97 9.67 -2.01
N PRO A 50 6.01 10.93 -2.33
CA PRO A 50 5.04 11.54 -3.26
C PRO A 50 5.40 11.10 -4.69
N ASN A 51 6.65 10.86 -4.93
CA ASN A 51 7.07 10.41 -6.29
C ASN A 51 7.29 8.89 -6.27
N PRO A 52 6.85 8.22 -7.29
CA PRO A 52 7.01 6.75 -7.40
C PRO A 52 8.46 6.40 -7.77
N ALA A 53 9.20 7.35 -8.30
CA ALA A 53 10.62 7.06 -8.67
C ALA A 53 11.46 7.00 -7.39
N ASP A 54 10.96 7.54 -6.32
CA ASP A 54 11.73 7.52 -5.05
C ASP A 54 11.01 6.64 -4.03
N LYS A 55 10.11 5.80 -4.49
CA LYS A 55 9.37 4.91 -3.55
C LYS A 55 10.31 3.82 -3.02
N CYS A 56 9.92 2.56 -3.06
CA CYS A 56 10.82 1.49 -2.57
C CYS A 56 11.50 0.80 -3.76
N LYS A 57 12.73 1.10 -4.02
CA LYS A 57 13.42 0.46 -5.18
C LYS A 57 14.47 -0.53 -4.67
N ALA A 58 15.01 -1.35 -5.54
CA ALA A 58 16.03 -2.33 -5.11
C ALA A 58 17.28 -1.59 -4.62
N ARG A 1 -12.63 6.99 -3.67
CA ARG A 1 -12.37 6.70 -2.24
C ARG A 1 -13.12 5.44 -1.82
N PRO A 2 -12.44 4.33 -1.88
CA PRO A 2 -13.02 3.02 -1.51
C PRO A 2 -13.07 2.87 0.01
N CYS A 3 -12.04 2.32 0.60
CA CYS A 3 -12.03 2.16 2.08
C CYS A 3 -11.13 3.22 2.70
N GLN A 4 -11.39 3.61 3.91
CA GLN A 4 -10.55 4.64 4.58
C GLN A 4 -9.08 4.17 4.57
N CYS A 5 -8.35 4.49 3.54
CA CYS A 5 -6.92 4.06 3.49
C CYS A 5 -6.20 4.83 2.38
N ASN A 6 -4.90 4.88 2.42
CA ASN A 6 -4.14 5.60 1.38
C ASN A 6 -2.69 5.11 1.36
N ASP A 7 -1.79 5.88 0.79
CA ASP A 7 -0.36 5.48 0.72
C ASP A 7 -0.13 4.52 -0.44
N ASN A 8 -0.54 3.29 -0.33
CA ASN A 8 -0.32 2.32 -1.43
C ASN A 8 -1.61 1.55 -1.74
N ILE A 9 -2.57 2.19 -2.34
CA ILE A 9 -3.83 1.48 -2.68
C ILE A 9 -4.38 2.06 -3.99
N ASP A 10 -5.09 1.26 -4.75
CA ASP A 10 -5.64 1.77 -6.04
C ASP A 10 -7.16 1.93 -5.95
N PRO A 11 -7.67 2.98 -6.57
CA PRO A 11 -9.12 3.26 -6.58
C PRO A 11 -9.82 2.35 -7.58
N ASN A 12 -9.08 1.63 -8.36
CA ASN A 12 -9.70 0.74 -9.39
C ASN A 12 -10.27 -0.53 -8.73
N ALA A 13 -9.51 -1.21 -7.90
CA ALA A 13 -10.05 -2.45 -7.26
C ALA A 13 -11.37 -2.10 -6.55
N VAL A 14 -11.91 -3.01 -5.81
CA VAL A 14 -13.21 -2.72 -5.12
C VAL A 14 -13.02 -2.63 -3.61
N GLY A 15 -12.61 -1.49 -3.11
CA GLY A 15 -12.44 -1.34 -1.64
C GLY A 15 -10.96 -1.34 -1.26
N ASN A 16 -10.17 -2.16 -1.92
CA ASN A 16 -8.71 -2.22 -1.58
C ASN A 16 -8.52 -2.43 -0.07
N CYS A 17 -9.54 -2.86 0.63
CA CYS A 17 -9.39 -3.08 2.10
C CYS A 17 -9.90 -4.47 2.47
N ASN A 18 -9.66 -4.91 3.69
CA ASN A 18 -10.18 -6.26 4.08
C ASN A 18 -11.69 -6.17 4.23
N ARG A 19 -12.42 -6.96 3.50
CA ARG A 19 -13.92 -6.90 3.60
C ARG A 19 -14.37 -7.24 5.02
N LEU A 20 -13.53 -7.85 5.81
CA LEU A 20 -13.96 -8.21 7.20
C LEU A 20 -13.31 -7.30 8.26
N THR A 21 -12.06 -6.93 8.11
CA THR A 21 -11.43 -6.06 9.14
C THR A 21 -11.61 -4.58 8.79
N GLY A 22 -11.45 -4.23 7.54
CA GLY A 22 -11.62 -2.80 7.15
C GLY A 22 -10.25 -2.08 7.23
N GLU A 23 -9.39 -2.30 6.27
CA GLU A 23 -8.06 -1.65 6.30
C GLU A 23 -7.29 -2.01 5.02
N CYS A 24 -6.25 -1.29 4.70
CA CYS A 24 -5.49 -1.61 3.45
C CYS A 24 -5.19 -3.10 3.42
N LEU A 25 -5.75 -3.81 2.48
CA LEU A 25 -5.51 -5.28 2.39
C LEU A 25 -4.92 -5.61 1.02
N LYS A 26 -4.51 -4.62 0.29
CA LYS A 26 -3.92 -4.87 -1.05
C LYS A 26 -2.96 -3.73 -1.41
N CYS A 27 -1.86 -3.61 -0.71
CA CYS A 27 -0.92 -2.51 -1.05
C CYS A 27 -0.60 -2.57 -2.54
N ILE A 28 -0.32 -1.46 -3.16
CA ILE A 28 -0.03 -1.49 -4.63
C ILE A 28 1.46 -1.34 -4.93
N TYR A 29 2.04 -0.23 -4.58
CA TYR A 29 3.48 0.03 -4.91
C TYR A 29 4.44 -0.85 -4.09
N ASN A 30 4.54 -2.12 -4.41
CA ASN A 30 5.49 -3.04 -3.71
C ASN A 30 5.76 -2.57 -2.30
N THR A 31 4.75 -2.47 -1.50
CA THR A 31 4.95 -2.02 -0.09
C THR A 31 4.43 -3.10 0.85
N ALA A 32 4.97 -3.20 2.03
CA ALA A 32 4.49 -4.25 2.98
C ALA A 32 3.93 -3.62 4.24
N GLY A 33 3.68 -4.42 5.24
CA GLY A 33 3.12 -3.88 6.52
C GLY A 33 1.60 -3.90 6.44
N PHE A 34 0.94 -4.03 7.56
CA PHE A 34 -0.55 -4.07 7.56
C PHE A 34 -1.10 -2.79 6.88
N TYR A 35 -0.40 -1.69 6.99
CA TYR A 35 -0.89 -0.43 6.36
C TYR A 35 0.07 -0.01 5.25
N CYS A 36 0.68 -0.96 4.58
CA CYS A 36 1.63 -0.61 3.49
C CYS A 36 2.61 0.45 4.00
N ASP A 37 3.07 0.30 5.21
CA ASP A 37 4.02 1.30 5.77
C ASP A 37 5.46 0.82 5.58
N ARG A 38 5.66 -0.24 4.85
CA ARG A 38 7.04 -0.75 4.64
C ARG A 38 7.28 -0.98 3.16
N CYS A 39 8.41 -1.54 2.83
CA CYS A 39 8.75 -1.81 1.40
C CYS A 39 8.95 -3.32 1.24
N LYS A 40 8.43 -3.91 0.18
CA LYS A 40 8.60 -5.38 -0.01
C LYS A 40 10.08 -5.75 0.05
N GLU A 41 10.38 -6.91 0.57
CA GLU A 41 11.80 -7.36 0.66
C GLU A 41 12.38 -7.48 -0.74
N GLY A 42 13.52 -6.87 -0.97
CA GLY A 42 14.12 -6.92 -2.33
C GLY A 42 14.28 -5.48 -2.78
N PHE A 43 13.32 -4.68 -2.44
CA PHE A 43 13.41 -3.24 -2.78
C PHE A 43 13.15 -2.44 -1.52
N PHE A 44 14.02 -1.53 -1.26
CA PHE A 44 13.87 -0.66 -0.06
C PHE A 44 13.58 0.77 -0.52
N GLY A 45 13.53 1.71 0.38
CA GLY A 45 13.26 3.11 -0.02
C GLY A 45 12.25 3.74 0.93
N ASN A 46 11.37 4.54 0.40
CA ASN A 46 10.34 5.20 1.27
C ASN A 46 8.96 4.96 0.67
N PRO A 47 8.21 4.07 1.25
CA PRO A 47 6.87 3.75 0.76
C PRO A 47 5.89 4.88 1.11
N LEU A 48 6.34 5.86 1.84
CA LEU A 48 5.46 7.00 2.19
C LEU A 48 5.95 8.26 1.44
N ALA A 49 6.38 8.09 0.22
CA ALA A 49 6.87 9.25 -0.57
C ALA A 49 5.72 9.83 -1.39
N PRO A 50 5.85 11.08 -1.78
CA PRO A 50 4.82 11.76 -2.58
C PRO A 50 4.89 11.28 -4.03
N ASN A 51 5.96 10.64 -4.40
CA ASN A 51 6.08 10.14 -5.79
C ASN A 51 5.75 8.63 -5.82
N PRO A 52 4.97 8.23 -6.78
CA PRO A 52 4.57 6.81 -6.92
C PRO A 52 5.73 5.98 -7.49
N ALA A 53 6.69 6.60 -8.11
CA ALA A 53 7.83 5.83 -8.67
C ALA A 53 9.08 6.01 -7.80
N ASP A 54 8.96 6.80 -6.75
CA ASP A 54 10.14 7.02 -5.86
C ASP A 54 9.92 6.29 -4.54
N LYS A 55 8.79 5.68 -4.36
CA LYS A 55 8.52 4.97 -3.07
C LYS A 55 9.58 3.87 -2.84
N CYS A 56 9.25 2.62 -3.00
CA CYS A 56 10.25 1.55 -2.78
C CYS A 56 11.21 1.52 -3.97
N LYS A 57 12.21 0.68 -3.94
CA LYS A 57 13.17 0.61 -5.09
C LYS A 57 14.44 -0.13 -4.66
N ALA A 58 15.12 -0.74 -5.59
CA ALA A 58 16.36 -1.48 -5.25
C ALA A 58 17.43 -0.48 -4.78
N ARG A 1 -18.36 4.96 3.25
CA ARG A 1 -17.89 3.67 2.70
C ARG A 1 -17.19 2.87 3.81
N PRO A 2 -17.08 1.58 3.60
CA PRO A 2 -16.43 0.68 4.56
C PRO A 2 -14.90 0.80 4.47
N CYS A 3 -14.25 0.88 5.60
CA CYS A 3 -12.76 0.99 5.58
C CYS A 3 -12.33 2.27 4.87
N GLN A 4 -11.05 2.48 4.75
CA GLN A 4 -10.54 3.71 4.07
C GLN A 4 -9.01 3.70 4.08
N CYS A 5 -8.40 3.87 2.94
CA CYS A 5 -6.90 3.86 2.90
C CYS A 5 -6.41 4.84 1.85
N ASN A 6 -5.11 5.04 1.76
CA ASN A 6 -4.56 5.99 0.77
C ASN A 6 -3.04 5.74 0.62
N ASP A 7 -2.34 6.65 0.02
CA ASP A 7 -0.86 6.49 -0.15
C ASP A 7 -0.56 5.32 -1.09
N ASN A 8 -0.53 4.12 -0.59
CA ASN A 8 -0.21 2.96 -1.48
C ASN A 8 -1.40 2.01 -1.59
N ILE A 9 -2.49 2.47 -2.14
CA ILE A 9 -3.67 1.59 -2.33
C ILE A 9 -4.35 1.93 -3.66
N ASP A 10 -5.34 1.16 -4.06
CA ASP A 10 -6.00 1.45 -5.36
C ASP A 10 -7.40 2.03 -5.12
N PRO A 11 -7.68 3.15 -5.75
CA PRO A 11 -8.98 3.84 -5.61
C PRO A 11 -10.06 3.13 -6.44
N ASN A 12 -9.69 2.10 -7.13
CA ASN A 12 -10.68 1.37 -7.98
C ASN A 12 -11.55 0.49 -7.08
N ALA A 13 -11.00 -0.54 -6.51
CA ALA A 13 -11.81 -1.43 -5.63
C ALA A 13 -12.47 -0.57 -4.55
N VAL A 14 -13.50 -1.07 -3.91
CA VAL A 14 -14.17 -0.25 -2.86
C VAL A 14 -13.88 -0.84 -1.48
N GLY A 15 -13.21 -0.10 -0.64
CA GLY A 15 -12.90 -0.61 0.72
C GLY A 15 -11.40 -0.92 0.82
N ASN A 16 -10.84 -1.50 -0.21
CA ASN A 16 -9.38 -1.82 -0.20
C ASN A 16 -8.98 -2.34 1.19
N CYS A 17 -9.89 -2.94 1.92
CA CYS A 17 -9.53 -3.43 3.28
C CYS A 17 -9.84 -4.93 3.42
N ASN A 18 -9.43 -5.52 4.52
CA ASN A 18 -9.72 -6.97 4.73
C ASN A 18 -11.23 -7.13 4.95
N ARG A 19 -11.87 -7.98 4.19
CA ARG A 19 -13.34 -8.16 4.35
C ARG A 19 -13.68 -8.61 5.78
N LEU A 20 -12.73 -9.16 6.50
CA LEU A 20 -13.05 -9.63 7.89
C LEU A 20 -12.39 -8.74 8.96
N THR A 21 -11.15 -8.34 8.78
CA THR A 21 -10.49 -7.50 9.82
C THR A 21 -10.88 -6.03 9.64
N GLY A 22 -11.09 -5.61 8.42
CA GLY A 22 -11.45 -4.17 8.19
C GLY A 22 -10.20 -3.31 8.34
N GLU A 23 -9.25 -3.43 7.44
CA GLU A 23 -8.00 -2.63 7.54
C GLU A 23 -7.31 -2.60 6.17
N CYS A 24 -6.45 -1.65 5.92
CA CYS A 24 -5.77 -1.59 4.60
C CYS A 24 -5.20 -2.97 4.28
N LEU A 25 -5.74 -3.62 3.28
CA LEU A 25 -5.27 -4.99 2.94
C LEU A 25 -4.91 -5.06 1.45
N LYS A 26 -4.86 -3.95 0.76
CA LYS A 26 -4.54 -3.99 -0.69
C LYS A 26 -3.37 -3.06 -1.04
N CYS A 27 -2.21 -3.26 -0.47
CA CYS A 27 -1.06 -2.38 -0.83
C CYS A 27 -0.87 -2.46 -2.35
N ILE A 28 -0.47 -1.39 -2.99
CA ILE A 28 -0.32 -1.47 -4.48
C ILE A 28 1.15 -1.42 -4.93
N TYR A 29 1.84 -0.37 -4.64
CA TYR A 29 3.27 -0.24 -5.11
C TYR A 29 4.24 -1.16 -4.32
N ASN A 30 4.15 -2.46 -4.51
CA ASN A 30 5.08 -3.41 -3.83
C ASN A 30 5.44 -2.87 -2.44
N THR A 31 4.49 -2.76 -1.58
CA THR A 31 4.77 -2.26 -0.21
C THR A 31 4.33 -3.31 0.81
N ALA A 32 4.86 -3.24 2.01
CA ALA A 32 4.48 -4.25 3.04
C ALA A 32 3.82 -3.56 4.23
N GLY A 33 3.56 -4.29 5.27
CA GLY A 33 2.91 -3.67 6.47
C GLY A 33 1.39 -3.69 6.30
N PHE A 34 0.68 -3.82 7.37
CA PHE A 34 -0.81 -3.84 7.28
C PHE A 34 -1.32 -2.61 6.53
N TYR A 35 -0.65 -1.49 6.67
CA TYR A 35 -1.10 -0.26 5.96
C TYR A 35 -0.03 0.17 4.96
N CYS A 36 0.64 -0.76 4.33
CA CYS A 36 1.70 -0.38 3.37
C CYS A 36 2.69 0.58 4.06
N ASP A 37 3.16 0.21 5.21
CA ASP A 37 4.10 1.09 5.96
C ASP A 37 5.55 0.71 5.61
N ARG A 38 5.74 -0.35 4.87
CA ARG A 38 7.13 -0.75 4.52
C ARG A 38 7.25 -1.00 3.03
N CYS A 39 8.33 -1.59 2.62
CA CYS A 39 8.56 -1.88 1.17
C CYS A 39 8.75 -3.40 1.01
N LYS A 40 8.17 -4.02 0.01
CA LYS A 40 8.33 -5.49 -0.14
C LYS A 40 9.83 -5.85 -0.18
N GLU A 41 10.16 -7.02 0.31
CA GLU A 41 11.60 -7.44 0.31
C GLU A 41 12.14 -7.47 -1.11
N GLY A 42 13.24 -6.80 -1.36
CA GLY A 42 13.80 -6.77 -2.74
C GLY A 42 13.87 -5.31 -3.14
N PHE A 43 12.95 -4.54 -2.68
CA PHE A 43 12.98 -3.09 -2.99
C PHE A 43 12.88 -2.31 -1.70
N PHE A 44 13.77 -1.39 -1.54
CA PHE A 44 13.77 -0.53 -0.31
C PHE A 44 13.40 0.89 -0.71
N GLY A 45 13.33 1.80 0.23
CA GLY A 45 12.98 3.20 -0.12
C GLY A 45 12.05 3.79 0.94
N ASN A 46 11.13 4.62 0.51
CA ASN A 46 10.17 5.25 1.47
C ASN A 46 8.75 5.12 0.92
N PRO A 47 7.98 4.23 1.49
CA PRO A 47 6.60 3.99 1.04
C PRO A 47 5.68 5.15 1.42
N LEU A 48 6.20 6.16 2.05
CA LEU A 48 5.35 7.34 2.41
C LEU A 48 5.85 8.57 1.66
N ALA A 49 6.20 8.43 0.41
CA ALA A 49 6.69 9.61 -0.36
C ALA A 49 5.65 9.99 -1.41
N PRO A 50 5.70 11.23 -1.86
CA PRO A 50 4.76 11.75 -2.87
C PRO A 50 5.16 11.25 -4.26
N ASN A 51 6.34 10.72 -4.40
CA ASN A 51 6.78 10.21 -5.74
C ASN A 51 6.63 8.68 -5.78
N PRO A 52 6.04 8.18 -6.85
CA PRO A 52 5.83 6.74 -7.03
C PRO A 52 7.14 6.06 -7.44
N ALA A 53 8.09 6.80 -7.97
CA ALA A 53 9.37 6.19 -8.39
C ALA A 53 10.38 6.25 -7.25
N ASP A 54 10.05 6.95 -6.19
CA ASP A 54 11.00 7.06 -5.05
C ASP A 54 10.49 6.20 -3.89
N LYS A 55 9.26 5.78 -3.92
CA LYS A 55 8.73 4.95 -2.80
C LYS A 55 9.55 3.67 -2.67
N CYS A 56 9.03 2.52 -3.08
CA CYS A 56 9.83 1.26 -2.97
C CYS A 56 10.57 1.03 -4.28
N LYS A 57 11.75 0.48 -4.22
CA LYS A 57 12.53 0.22 -5.47
C LYS A 57 13.95 -0.19 -5.10
N ALA A 58 14.73 -0.61 -6.07
CA ALA A 58 16.13 -1.02 -5.78
C ALA A 58 16.95 0.22 -5.40
N ARG A 1 -15.11 6.27 7.60
CA ARG A 1 -14.73 4.83 7.58
C ARG A 1 -13.21 4.71 7.39
N PRO A 2 -12.60 3.79 8.10
CA PRO A 2 -11.15 3.56 8.02
C PRO A 2 -10.80 2.82 6.72
N CYS A 3 -10.71 1.52 6.76
CA CYS A 3 -10.38 0.72 5.54
C CYS A 3 -9.41 1.49 4.64
N GLN A 4 -9.93 2.26 3.71
CA GLN A 4 -9.05 3.03 2.80
C GLN A 4 -7.86 3.61 3.57
N CYS A 5 -6.67 3.19 3.25
CA CYS A 5 -5.47 3.72 3.95
C CYS A 5 -4.67 4.60 2.99
N ASN A 6 -3.36 4.58 3.07
CA ASN A 6 -2.55 5.42 2.15
C ASN A 6 -2.98 5.14 0.71
N ASP A 7 -2.33 5.74 -0.25
CA ASP A 7 -2.73 5.51 -1.66
C ASP A 7 -1.95 4.33 -2.27
N ASN A 8 -2.22 3.12 -1.85
CA ASN A 8 -1.48 1.96 -2.43
C ASN A 8 -2.42 0.75 -2.52
N ILE A 9 -3.47 0.84 -3.32
CA ILE A 9 -4.42 -0.29 -3.46
C ILE A 9 -5.02 -0.28 -4.87
N ASP A 10 -5.38 -1.41 -5.39
CA ASP A 10 -5.98 -1.46 -6.75
C ASP A 10 -7.48 -1.78 -6.63
N PRO A 11 -8.30 -0.88 -7.13
CA PRO A 11 -9.77 -1.05 -7.08
C PRO A 11 -10.24 -2.07 -8.11
N ASN A 12 -9.34 -2.57 -8.90
CA ASN A 12 -9.73 -3.57 -9.93
C ASN A 12 -9.91 -4.94 -9.28
N ALA A 13 -8.85 -5.54 -8.81
CA ALA A 13 -8.98 -6.86 -8.14
C ALA A 13 -9.88 -6.75 -6.92
N VAL A 14 -10.12 -7.83 -6.22
CA VAL A 14 -10.99 -7.77 -5.02
C VAL A 14 -10.17 -8.14 -3.78
N GLY A 15 -10.51 -7.59 -2.64
CA GLY A 15 -9.74 -7.90 -1.41
C GLY A 15 -8.91 -6.68 -0.98
N ASN A 16 -8.80 -5.68 -1.83
CA ASN A 16 -8.00 -4.47 -1.48
C ASN A 16 -8.22 -4.10 -0.01
N CYS A 17 -9.36 -4.41 0.53
CA CYS A 17 -9.62 -4.07 1.96
C CYS A 17 -10.00 -5.34 2.71
N ASN A 18 -9.81 -5.38 4.01
CA ASN A 18 -10.18 -6.61 4.76
C ASN A 18 -11.69 -6.57 5.02
N ARG A 19 -12.42 -7.53 4.52
CA ARG A 19 -13.90 -7.52 4.71
C ARG A 19 -14.26 -7.64 6.19
N LEU A 20 -13.35 -8.09 7.02
CA LEU A 20 -13.70 -8.23 8.47
C LEU A 20 -13.05 -7.13 9.32
N THR A 21 -11.81 -6.76 9.06
CA THR A 21 -11.17 -5.71 9.91
C THR A 21 -11.40 -4.31 9.30
N GLY A 22 -11.45 -4.22 8.00
CA GLY A 22 -11.65 -2.88 7.37
C GLY A 22 -10.30 -2.15 7.28
N GLU A 23 -9.41 -2.60 6.44
CA GLU A 23 -8.08 -1.93 6.32
C GLU A 23 -7.41 -2.38 5.00
N CYS A 24 -6.35 -1.75 4.58
CA CYS A 24 -5.70 -2.17 3.31
C CYS A 24 -5.15 -3.58 3.47
N LEU A 25 -5.78 -4.55 2.85
CA LEU A 25 -5.29 -5.95 2.97
C LEU A 25 -4.44 -6.31 1.74
N LYS A 26 -4.01 -5.34 0.98
CA LYS A 26 -3.19 -5.67 -0.23
C LYS A 26 -2.48 -4.44 -0.79
N CYS A 27 -1.48 -3.91 -0.12
CA CYS A 27 -0.77 -2.72 -0.68
C CYS A 27 -0.30 -3.07 -2.09
N ILE A 28 -0.23 -2.11 -2.98
CA ILE A 28 0.21 -2.44 -4.38
C ILE A 28 1.64 -1.97 -4.68
N TYR A 29 1.86 -0.70 -4.64
CA TYR A 29 3.21 -0.13 -4.99
C TYR A 29 4.32 -0.72 -4.13
N ASN A 30 4.80 -1.88 -4.51
CA ASN A 30 5.92 -2.58 -3.80
C ASN A 30 6.05 -2.07 -2.37
N THR A 31 4.98 -2.04 -1.64
CA THR A 31 5.06 -1.56 -0.23
C THR A 31 4.53 -2.65 0.71
N ALA A 32 4.96 -2.65 1.93
CA ALA A 32 4.49 -3.68 2.89
C ALA A 32 3.89 -3.01 4.13
N GLY A 33 3.74 -3.74 5.20
CA GLY A 33 3.17 -3.13 6.44
C GLY A 33 1.64 -3.15 6.36
N PHE A 34 1.00 -3.32 7.47
CA PHE A 34 -0.49 -3.36 7.48
C PHE A 34 -1.04 -2.13 6.74
N TYR A 35 -0.34 -1.03 6.74
CA TYR A 35 -0.86 0.19 6.05
C TYR A 35 0.16 0.65 4.99
N CYS A 36 0.76 -0.28 4.28
CA CYS A 36 1.75 0.12 3.24
C CYS A 36 2.79 1.07 3.86
N ASP A 37 3.05 0.94 5.13
CA ASP A 37 4.05 1.83 5.79
C ASP A 37 5.43 1.19 5.70
N ARG A 38 5.57 0.15 4.92
CA ARG A 38 6.89 -0.52 4.80
C ARG A 38 7.22 -0.70 3.32
N CYS A 39 8.22 -1.48 3.03
CA CYS A 39 8.61 -1.71 1.62
C CYS A 39 8.54 -3.22 1.33
N LYS A 40 7.86 -3.62 0.28
CA LYS A 40 7.76 -5.07 -0.01
C LYS A 40 9.16 -5.65 -0.15
N GLU A 41 9.34 -6.87 0.30
CA GLU A 41 10.69 -7.50 0.21
C GLU A 41 11.12 -7.59 -1.27
N GLY A 42 12.28 -7.09 -1.59
CA GLY A 42 12.73 -7.12 -3.01
C GLY A 42 13.01 -5.69 -3.41
N PHE A 43 12.27 -4.77 -2.86
CA PHE A 43 12.51 -3.35 -3.18
C PHE A 43 12.52 -2.54 -1.89
N PHE A 44 13.54 -1.78 -1.72
CA PHE A 44 13.67 -0.92 -0.52
C PHE A 44 13.45 0.54 -0.94
N GLY A 45 13.54 1.45 -0.03
CA GLY A 45 13.33 2.88 -0.40
C GLY A 45 12.41 3.57 0.60
N ASN A 46 11.56 4.43 0.13
CA ASN A 46 10.63 5.15 1.06
C ASN A 46 9.20 5.00 0.53
N PRO A 47 8.42 4.17 1.18
CA PRO A 47 7.03 3.91 0.78
C PRO A 47 6.12 5.03 1.29
N LEU A 48 6.65 5.94 2.06
CA LEU A 48 5.81 7.04 2.59
C LEU A 48 6.21 8.36 1.91
N ALA A 49 6.51 8.33 0.64
CA ALA A 49 6.90 9.56 -0.08
C ALA A 49 5.73 10.03 -0.95
N PRO A 50 5.72 11.30 -1.26
CA PRO A 50 4.66 11.89 -2.10
C PRO A 50 4.89 11.49 -3.55
N ASN A 51 6.10 11.17 -3.89
CA ASN A 51 6.40 10.76 -5.29
C ASN A 51 6.52 9.23 -5.34
N PRO A 52 5.92 8.63 -6.34
CA PRO A 52 5.95 7.17 -6.51
C PRO A 52 7.32 6.73 -7.06
N ALA A 53 8.07 7.64 -7.64
CA ALA A 53 9.41 7.26 -8.18
C ALA A 53 10.39 7.08 -7.02
N ASP A 54 10.07 7.59 -5.87
CA ASP A 54 10.98 7.43 -4.70
C ASP A 54 10.41 6.39 -3.74
N LYS A 55 9.41 5.66 -4.19
CA LYS A 55 8.80 4.62 -3.30
C LYS A 55 9.85 3.55 -2.98
N CYS A 56 9.47 2.29 -2.97
CA CYS A 56 10.46 1.22 -2.66
C CYS A 56 10.93 0.59 -3.98
N LYS A 57 12.12 0.91 -4.43
CA LYS A 57 12.60 0.33 -5.72
C LYS A 57 13.72 -0.68 -5.43
N ALA A 58 14.35 -1.18 -6.45
CA ALA A 58 15.45 -2.16 -6.25
C ALA A 58 16.79 -1.43 -6.21
N ARG A 1 -18.34 2.04 1.67
CA ARG A 1 -16.86 2.03 1.88
C ARG A 1 -16.56 2.26 3.36
N PRO A 2 -16.70 1.21 4.14
CA PRO A 2 -16.45 1.25 5.59
C PRO A 2 -14.95 1.20 5.87
N CYS A 3 -14.14 1.19 4.86
CA CYS A 3 -12.66 1.14 5.08
C CYS A 3 -11.95 1.87 3.94
N GLN A 4 -10.91 2.59 4.26
CA GLN A 4 -10.16 3.33 3.20
C GLN A 4 -8.89 3.91 3.81
N CYS A 5 -7.80 3.87 3.11
CA CYS A 5 -6.53 4.42 3.65
C CYS A 5 -5.76 5.16 2.55
N ASN A 6 -5.35 6.37 2.81
CA ASN A 6 -4.59 7.13 1.78
C ASN A 6 -3.14 6.65 1.76
N ASP A 7 -2.88 5.55 1.10
CA ASP A 7 -1.49 5.02 1.06
C ASP A 7 -1.27 4.22 -0.24
N ASN A 8 -0.67 3.06 -0.15
CA ASN A 8 -0.44 2.26 -1.38
C ASN A 8 -1.62 1.34 -1.64
N ILE A 9 -2.70 1.88 -2.13
CA ILE A 9 -3.89 1.03 -2.42
C ILE A 9 -4.55 1.53 -3.72
N ASP A 10 -5.43 0.75 -4.28
CA ASP A 10 -6.12 1.19 -5.54
C ASP A 10 -7.54 1.64 -5.21
N PRO A 11 -7.95 2.75 -5.78
CA PRO A 11 -9.30 3.30 -5.57
C PRO A 11 -10.33 2.52 -6.40
N ASN A 12 -9.90 1.90 -7.46
CA ASN A 12 -10.88 1.13 -8.31
C ASN A 12 -11.23 -0.23 -7.66
N ALA A 13 -10.53 -0.65 -6.63
CA ALA A 13 -10.88 -1.96 -6.00
C ALA A 13 -12.10 -1.77 -5.10
N VAL A 14 -12.38 -2.72 -4.25
CA VAL A 14 -13.56 -2.60 -3.36
C VAL A 14 -13.10 -2.42 -1.90
N GLY A 15 -12.77 -1.22 -1.51
CA GLY A 15 -12.35 -0.99 -0.09
C GLY A 15 -10.87 -1.36 0.10
N ASN A 16 -10.31 -2.16 -0.78
CA ASN A 16 -8.87 -2.53 -0.60
C ASN A 16 -8.62 -2.91 0.86
N CYS A 17 -9.65 -3.36 1.55
CA CYS A 17 -9.48 -3.74 2.98
C CYS A 17 -9.93 -5.18 3.16
N ASN A 18 -9.78 -5.72 4.33
CA ASN A 18 -10.23 -7.13 4.55
C ASN A 18 -11.72 -7.10 4.91
N ARG A 19 -12.53 -7.79 4.17
CA ARG A 19 -14.00 -7.77 4.45
C ARG A 19 -14.31 -8.33 5.84
N LEU A 20 -13.35 -8.93 6.50
CA LEU A 20 -13.64 -9.51 7.85
C LEU A 20 -12.94 -8.72 8.97
N THR A 21 -11.70 -8.31 8.79
CA THR A 21 -11.01 -7.56 9.88
C THR A 21 -11.26 -6.06 9.71
N GLY A 22 -11.37 -5.58 8.50
CA GLY A 22 -11.60 -4.13 8.30
C GLY A 22 -10.25 -3.38 8.32
N GLU A 23 -9.45 -3.56 7.30
CA GLU A 23 -8.13 -2.87 7.27
C GLU A 23 -7.54 -2.96 5.87
N CYS A 24 -6.83 -1.95 5.45
CA CYS A 24 -6.22 -1.95 4.09
C CYS A 24 -5.30 -3.16 3.95
N LEU A 25 -5.70 -4.15 3.19
CA LEU A 25 -4.84 -5.36 3.02
C LEU A 25 -4.63 -5.65 1.53
N LYS A 26 -4.35 -4.64 0.76
CA LYS A 26 -4.12 -4.84 -0.70
C LYS A 26 -3.11 -3.79 -1.19
N CYS A 27 -1.92 -3.79 -0.64
CA CYS A 27 -0.91 -2.78 -1.07
C CYS A 27 -0.72 -2.84 -2.59
N ILE A 28 -0.39 -1.72 -3.20
CA ILE A 28 -0.20 -1.71 -4.69
C ILE A 28 1.27 -1.57 -5.09
N TYR A 29 1.88 -0.49 -4.72
CA TYR A 29 3.31 -0.25 -5.11
C TYR A 29 4.30 -1.09 -4.29
N ASN A 30 4.26 -2.39 -4.43
CA ASN A 30 5.22 -3.27 -3.69
C ASN A 30 5.45 -2.76 -2.28
N THR A 31 4.44 -2.70 -1.48
CA THR A 31 4.62 -2.23 -0.09
C THR A 31 4.08 -3.28 0.90
N ALA A 32 4.55 -3.28 2.11
CA ALA A 32 4.07 -4.29 3.10
C ALA A 32 3.48 -3.59 4.32
N GLY A 33 3.29 -4.30 5.41
CA GLY A 33 2.72 -3.66 6.63
C GLY A 33 1.20 -3.73 6.60
N PHE A 34 0.58 -3.80 7.74
CA PHE A 34 -0.90 -3.88 7.79
C PHE A 34 -1.51 -2.74 6.95
N TYR A 35 -0.87 -1.60 6.91
CA TYR A 35 -1.43 -0.47 6.12
C TYR A 35 -0.41 -0.04 5.05
N CYS A 36 0.27 -0.98 4.45
CA CYS A 36 1.27 -0.62 3.42
C CYS A 36 2.29 0.38 4.00
N ASP A 37 2.59 0.27 5.26
CA ASP A 37 3.56 1.20 5.89
C ASP A 37 4.98 0.63 5.76
N ARG A 38 5.15 -0.36 4.93
CA ARG A 38 6.49 -0.97 4.75
C ARG A 38 6.79 -1.08 3.26
N CYS A 39 7.92 -1.63 2.93
CA CYS A 39 8.30 -1.80 1.50
C CYS A 39 8.63 -3.27 1.25
N LYS A 40 8.06 -3.88 0.24
CA LYS A 40 8.36 -5.33 -0.01
C LYS A 40 9.86 -5.53 -0.19
N GLU A 41 10.38 -6.63 0.30
CA GLU A 41 11.84 -6.90 0.18
C GLU A 41 12.21 -7.00 -1.30
N GLY A 42 13.29 -6.39 -1.69
CA GLY A 42 13.70 -6.42 -3.12
C GLY A 42 13.80 -4.97 -3.56
N PHE A 43 12.87 -4.18 -3.11
CA PHE A 43 12.91 -2.75 -3.42
C PHE A 43 13.00 -1.97 -2.12
N PHE A 44 13.92 -1.07 -2.06
CA PHE A 44 14.10 -0.25 -0.83
C PHE A 44 13.65 1.17 -1.11
N GLY A 45 13.65 2.03 -0.11
CA GLY A 45 13.22 3.43 -0.35
C GLY A 45 12.20 3.85 0.70
N ASN A 46 11.21 4.59 0.30
CA ASN A 46 10.17 5.06 1.26
C ASN A 46 8.79 4.83 0.66
N PRO A 47 7.95 4.10 1.34
CA PRO A 47 6.59 3.80 0.85
C PRO A 47 5.66 5.01 1.04
N LEU A 48 6.11 6.02 1.74
CA LEU A 48 5.25 7.21 1.95
C LEU A 48 5.81 8.42 1.18
N ALA A 49 6.31 8.19 -0.01
CA ALA A 49 6.87 9.32 -0.80
C ALA A 49 5.81 9.78 -1.82
N PRO A 50 5.87 11.04 -2.16
CA PRO A 50 4.93 11.63 -3.14
C PRO A 50 5.32 11.18 -4.54
N ASN A 51 6.56 10.84 -4.74
CA ASN A 51 7.01 10.37 -6.09
C ASN A 51 7.11 8.84 -6.07
N PRO A 52 6.59 8.21 -7.10
CA PRO A 52 6.63 6.74 -7.22
C PRO A 52 8.03 6.28 -7.62
N ALA A 53 8.86 7.18 -8.12
CA ALA A 53 10.23 6.77 -8.52
C ALA A 53 11.14 6.79 -7.29
N ASP A 54 10.69 7.38 -6.21
CA ASP A 54 11.53 7.43 -4.99
C ASP A 54 10.85 6.63 -3.88
N LYS A 55 9.84 5.86 -4.22
CA LYS A 55 9.14 5.06 -3.17
C LYS A 55 9.99 3.82 -2.83
N CYS A 56 9.42 2.64 -2.84
CA CYS A 56 10.24 1.42 -2.53
C CYS A 56 10.77 0.87 -3.85
N LYS A 57 11.84 1.41 -4.36
CA LYS A 57 12.39 0.91 -5.64
C LYS A 57 13.78 0.29 -5.41
N ALA A 58 14.28 -0.42 -6.38
CA ALA A 58 15.62 -1.06 -6.21
C ALA A 58 16.70 0.03 -6.17
N ARG A 1 -17.20 7.75 2.41
CA ARG A 1 -16.14 7.11 3.26
C ARG A 1 -15.70 5.80 2.61
N PRO A 2 -14.73 5.90 1.74
CA PRO A 2 -14.18 4.73 1.02
C PRO A 2 -13.23 3.93 1.92
N CYS A 3 -12.74 2.83 1.42
CA CYS A 3 -11.80 1.99 2.22
C CYS A 3 -10.43 1.97 1.55
N GLN A 4 -9.57 2.88 1.89
CA GLN A 4 -8.22 2.91 1.24
C GLN A 4 -7.21 3.60 2.17
N CYS A 5 -6.21 2.89 2.62
CA CYS A 5 -5.19 3.54 3.49
C CYS A 5 -4.40 4.53 2.64
N ASN A 6 -3.10 4.57 2.75
CA ASN A 6 -2.32 5.51 1.90
C ASN A 6 -2.65 5.21 0.43
N ASP A 7 -1.99 5.85 -0.49
CA ASP A 7 -2.30 5.59 -1.93
C ASP A 7 -1.54 4.34 -2.43
N ASN A 8 -1.88 3.17 -1.94
CA ASN A 8 -1.18 1.95 -2.41
C ASN A 8 -2.18 0.81 -2.64
N ILE A 9 -3.16 1.01 -3.48
CA ILE A 9 -4.17 -0.07 -3.74
C ILE A 9 -4.69 0.07 -5.17
N ASP A 10 -5.15 -1.00 -5.73
CA ASP A 10 -5.69 -0.93 -7.12
C ASP A 10 -7.22 -1.06 -7.10
N PRO A 11 -7.89 -0.14 -7.75
CA PRO A 11 -9.36 -0.14 -7.81
C PRO A 11 -9.88 -1.18 -8.79
N ASN A 12 -9.00 -1.84 -9.49
CA ASN A 12 -9.43 -2.87 -10.47
C ASN A 12 -9.81 -4.16 -9.75
N ALA A 13 -8.85 -4.88 -9.23
CA ALA A 13 -9.17 -6.15 -8.52
C ALA A 13 -10.14 -5.86 -7.37
N VAL A 14 -10.81 -6.86 -6.88
CA VAL A 14 -11.78 -6.64 -5.76
C VAL A 14 -11.18 -7.19 -4.46
N GLY A 15 -11.38 -6.52 -3.36
CA GLY A 15 -10.82 -7.00 -2.07
C GLY A 15 -9.65 -6.11 -1.64
N ASN A 16 -9.18 -5.25 -2.53
CA ASN A 16 -8.04 -4.36 -2.16
C ASN A 16 -8.20 -3.85 -0.73
N CYS A 17 -9.42 -3.66 -0.29
CA CYS A 17 -9.62 -3.16 1.10
C CYS A 17 -10.49 -4.13 1.89
N ASN A 18 -10.00 -4.57 3.03
CA ASN A 18 -10.78 -5.53 3.86
C ASN A 18 -11.48 -4.84 5.03
N ARG A 19 -12.78 -4.91 5.07
CA ARG A 19 -13.53 -4.28 6.19
C ARG A 19 -13.51 -5.21 7.42
N LEU A 20 -13.33 -6.49 7.20
CA LEU A 20 -13.31 -7.43 8.35
C LEU A 20 -11.88 -7.65 8.86
N THR A 21 -10.92 -7.72 7.98
CA THR A 21 -9.51 -7.91 8.44
C THR A 21 -8.91 -6.53 8.77
N GLY A 22 -9.72 -5.49 8.75
CA GLY A 22 -9.18 -4.14 9.06
C GLY A 22 -9.48 -3.18 7.89
N GLU A 23 -8.71 -3.21 6.83
CA GLU A 23 -9.01 -2.28 5.72
C GLU A 23 -7.98 -2.41 4.58
N CYS A 24 -6.70 -2.55 4.87
CA CYS A 24 -5.73 -2.70 3.76
C CYS A 24 -5.46 -4.19 3.59
N LEU A 25 -5.75 -4.73 2.45
CA LEU A 25 -5.56 -6.20 2.29
C LEU A 25 -4.55 -6.53 1.18
N LYS A 26 -4.18 -5.59 0.36
CA LYS A 26 -3.19 -5.92 -0.73
C LYS A 26 -2.46 -4.65 -1.21
N CYS A 27 -1.49 -4.17 -0.48
CA CYS A 27 -0.76 -2.95 -0.96
C CYS A 27 -0.24 -3.24 -2.36
N ILE A 28 -0.19 -2.25 -3.22
CA ILE A 28 0.29 -2.51 -4.62
C ILE A 28 1.77 -2.18 -4.80
N TYR A 29 2.12 -0.93 -4.66
CA TYR A 29 3.53 -0.48 -4.87
C TYR A 29 4.52 -1.22 -3.97
N ASN A 30 4.90 -2.41 -4.38
CA ASN A 30 5.91 -3.24 -3.63
C ASN A 30 6.04 -2.81 -2.17
N THR A 31 4.94 -2.70 -1.49
CA THR A 31 5.01 -2.29 -0.06
C THR A 31 4.40 -3.37 0.81
N ALA A 32 4.87 -3.51 2.03
CA ALA A 32 4.33 -4.59 2.90
C ALA A 32 3.72 -3.96 4.16
N GLY A 33 3.28 -4.79 5.07
CA GLY A 33 2.66 -4.26 6.32
C GLY A 33 1.16 -4.10 6.09
N PHE A 34 0.37 -4.23 7.12
CA PHE A 34 -1.10 -4.09 6.94
C PHE A 34 -1.43 -2.72 6.33
N TYR A 35 -0.63 -1.71 6.56
CA TYR A 35 -0.92 -0.37 5.99
C TYR A 35 0.18 0.03 5.00
N CYS A 36 0.84 -0.92 4.41
CA CYS A 36 1.93 -0.58 3.44
C CYS A 36 2.90 0.40 4.11
N ASP A 37 3.42 0.03 5.25
CA ASP A 37 4.37 0.93 5.96
C ASP A 37 5.81 0.55 5.64
N ARG A 38 6.02 -0.55 4.99
CA ARG A 38 7.42 -0.94 4.66
C ARG A 38 7.52 -1.30 3.18
N CYS A 39 8.64 -1.80 2.78
CA CYS A 39 8.83 -2.19 1.36
C CYS A 39 9.08 -3.69 1.31
N LYS A 40 8.46 -4.41 0.40
CA LYS A 40 8.70 -5.89 0.38
C LYS A 40 10.20 -6.15 0.21
N GLU A 41 10.67 -7.26 0.70
CA GLU A 41 12.13 -7.59 0.59
C GLU A 41 12.52 -7.64 -0.89
N GLY A 42 13.50 -6.87 -1.28
CA GLY A 42 13.91 -6.85 -2.70
C GLY A 42 13.78 -5.42 -3.18
N PHE A 43 12.80 -4.73 -2.67
CA PHE A 43 12.63 -3.31 -3.03
C PHE A 43 12.57 -2.48 -1.77
N PHE A 44 13.37 -1.48 -1.73
CA PHE A 44 13.40 -0.57 -0.55
C PHE A 44 13.13 0.86 -1.01
N GLY A 45 13.13 1.80 -0.10
CA GLY A 45 12.87 3.21 -0.51
C GLY A 45 11.99 3.90 0.54
N ASN A 46 11.10 4.73 0.10
CA ASN A 46 10.21 5.45 1.08
C ASN A 46 8.74 5.32 0.63
N PRO A 47 8.01 4.45 1.30
CA PRO A 47 6.60 4.22 0.98
C PRO A 47 5.73 5.33 1.58
N LEU A 48 6.34 6.25 2.28
CA LEU A 48 5.55 7.35 2.90
C LEU A 48 5.85 8.67 2.15
N ALA A 49 6.00 8.60 0.85
CA ALA A 49 6.29 9.83 0.08
C ALA A 49 5.09 10.15 -0.82
N PRO A 50 4.97 11.40 -1.19
CA PRO A 50 3.88 11.85 -2.07
C PRO A 50 4.17 11.45 -3.51
N ASN A 51 5.41 11.20 -3.80
CA ASN A 51 5.80 10.80 -5.19
C ASN A 51 5.97 9.28 -5.25
N PRO A 52 5.36 8.66 -6.23
CA PRO A 52 5.46 7.19 -6.41
C PRO A 52 6.82 6.82 -7.01
N ALA A 53 7.51 7.75 -7.61
CA ALA A 53 8.83 7.43 -8.22
C ALA A 53 9.87 7.27 -7.10
N ASP A 54 9.62 7.82 -5.95
CA ASP A 54 10.59 7.70 -4.83
C ASP A 54 10.06 6.69 -3.80
N LYS A 55 9.07 5.93 -4.17
CA LYS A 55 8.49 4.94 -3.22
C LYS A 55 9.52 3.83 -2.96
N CYS A 56 9.11 2.59 -2.93
CA CYS A 56 10.09 1.49 -2.68
C CYS A 56 10.48 0.85 -4.02
N LYS A 57 11.67 1.12 -4.51
CA LYS A 57 12.10 0.53 -5.81
C LYS A 57 13.31 -0.38 -5.55
N ALA A 58 14.10 -0.62 -6.56
CA ALA A 58 15.30 -1.50 -6.37
C ALA A 58 16.29 -0.82 -5.42
N ARG A 1 -19.25 1.67 -1.61
CA ARG A 1 -18.52 1.39 -0.34
C ARG A 1 -17.12 2.00 -0.42
N PRO A 2 -17.01 3.23 0.01
CA PRO A 2 -15.73 3.96 0.00
C PRO A 2 -14.86 3.53 1.19
N CYS A 3 -13.86 2.73 0.95
CA CYS A 3 -12.98 2.28 2.07
C CYS A 3 -11.98 3.38 2.42
N GLN A 4 -12.24 4.12 3.45
CA GLN A 4 -11.31 5.22 3.85
C GLN A 4 -9.91 4.63 4.05
N CYS A 5 -8.97 5.02 3.23
CA CYS A 5 -7.59 4.50 3.37
C CYS A 5 -6.69 5.14 2.32
N ASN A 6 -5.41 5.21 2.58
CA ASN A 6 -4.48 5.84 1.59
C ASN A 6 -3.14 5.09 1.63
N ASP A 7 -2.07 5.75 1.24
CA ASP A 7 -0.74 5.08 1.25
C ASP A 7 -0.57 4.25 -0.03
N ASN A 8 -0.08 3.04 0.08
CA ASN A 8 0.11 2.21 -1.15
C ASN A 8 -1.15 1.40 -1.45
N ILE A 9 -2.18 2.06 -1.91
CA ILE A 9 -3.45 1.36 -2.25
C ILE A 9 -4.04 2.02 -3.49
N ASP A 10 -4.73 1.28 -4.32
CA ASP A 10 -5.31 1.89 -5.55
C ASP A 10 -6.84 1.88 -5.50
N PRO A 11 -7.44 2.79 -6.22
CA PRO A 11 -8.91 2.89 -6.30
C PRO A 11 -9.46 1.81 -7.25
N ASN A 12 -8.63 1.29 -8.09
CA ASN A 12 -9.11 0.26 -9.08
C ASN A 12 -9.28 -1.13 -8.42
N ALA A 13 -8.48 -1.49 -7.45
CA ALA A 13 -8.65 -2.83 -6.82
C ALA A 13 -10.09 -2.99 -6.34
N VAL A 14 -10.38 -4.02 -5.58
CA VAL A 14 -11.78 -4.21 -5.10
C VAL A 14 -11.90 -3.80 -3.62
N GLY A 15 -11.99 -2.52 -3.36
CA GLY A 15 -12.11 -2.06 -1.94
C GLY A 15 -10.71 -1.86 -1.36
N ASN A 16 -9.77 -2.66 -1.78
CA ASN A 16 -8.37 -2.53 -1.26
C ASN A 16 -8.33 -2.85 0.25
N CYS A 17 -9.42 -3.21 0.85
CA CYS A 17 -9.40 -3.53 2.31
C CYS A 17 -9.92 -4.95 2.54
N ASN A 18 -9.95 -5.37 3.77
CA ASN A 18 -10.47 -6.75 4.06
C ASN A 18 -11.97 -6.63 4.38
N ARG A 19 -12.80 -7.45 3.77
CA ARG A 19 -14.26 -7.35 4.04
C ARG A 19 -14.57 -7.80 5.47
N LEU A 20 -13.74 -8.63 6.05
CA LEU A 20 -14.02 -9.12 7.43
C LEU A 20 -13.27 -8.30 8.48
N THR A 21 -12.06 -7.87 8.19
CA THR A 21 -11.31 -7.07 9.20
C THR A 21 -11.59 -5.58 9.02
N GLY A 22 -11.68 -5.13 7.79
CA GLY A 22 -11.95 -3.68 7.55
C GLY A 22 -10.62 -2.91 7.63
N GLU A 23 -9.75 -3.08 6.66
CA GLU A 23 -8.45 -2.36 6.70
C GLU A 23 -7.72 -2.56 5.37
N CYS A 24 -6.82 -1.67 5.04
CA CYS A 24 -6.05 -1.79 3.76
C CYS A 24 -5.22 -3.08 3.76
N LEU A 25 -5.56 -4.04 2.94
CA LEU A 25 -4.74 -5.29 2.90
C LEU A 25 -4.35 -5.63 1.47
N LYS A 26 -4.01 -4.63 0.68
CA LYS A 26 -3.60 -4.90 -0.73
C LYS A 26 -2.59 -3.82 -1.16
N CYS A 27 -1.40 -3.82 -0.60
CA CYS A 27 -0.39 -2.79 -0.99
C CYS A 27 -0.20 -2.80 -2.50
N ILE A 28 0.06 -1.66 -3.08
CA ILE A 28 0.25 -1.60 -4.56
C ILE A 28 1.73 -1.48 -4.94
N TYR A 29 2.37 -0.42 -4.54
CA TYR A 29 3.80 -0.21 -4.92
C TYR A 29 4.77 -1.08 -4.08
N ASN A 30 4.68 -2.38 -4.19
CA ASN A 30 5.61 -3.28 -3.44
C ASN A 30 5.86 -2.74 -2.04
N THR A 31 4.84 -2.62 -1.24
CA THR A 31 5.04 -2.13 0.15
C THR A 31 4.50 -3.16 1.13
N ALA A 32 5.09 -3.28 2.29
CA ALA A 32 4.61 -4.28 3.28
C ALA A 32 4.00 -3.59 4.49
N GLY A 33 3.79 -4.31 5.55
CA GLY A 33 3.19 -3.71 6.78
C GLY A 33 1.67 -3.85 6.71
N PHE A 34 1.03 -4.00 7.83
CA PHE A 34 -0.45 -4.15 7.83
C PHE A 34 -1.08 -2.99 7.06
N TYR A 35 -0.47 -1.83 7.05
CA TYR A 35 -1.05 -0.67 6.32
C TYR A 35 -0.07 -0.19 5.25
N CYS A 36 0.62 -1.09 4.61
CA CYS A 36 1.60 -0.68 3.57
C CYS A 36 2.50 0.41 4.13
N ASP A 37 3.10 0.19 5.25
CA ASP A 37 3.99 1.23 5.86
C ASP A 37 5.46 0.88 5.65
N ARG A 38 5.74 -0.21 4.98
CA ARG A 38 7.16 -0.58 4.76
C ARG A 38 7.37 -0.92 3.28
N CYS A 39 8.53 -1.39 2.93
CA CYS A 39 8.81 -1.77 1.52
C CYS A 39 8.97 -3.29 1.45
N LYS A 40 8.24 -3.96 0.59
CA LYS A 40 8.36 -5.44 0.51
C LYS A 40 9.81 -5.83 0.22
N GLU A 41 10.22 -6.99 0.66
CA GLU A 41 11.63 -7.43 0.40
C GLU A 41 11.86 -7.50 -1.11
N GLY A 42 12.88 -6.82 -1.58
CA GLY A 42 13.14 -6.82 -3.05
C GLY A 42 13.13 -5.38 -3.49
N PHE A 43 12.32 -4.58 -2.87
CA PHE A 43 12.28 -3.15 -3.21
C PHE A 43 12.43 -2.32 -1.94
N PHE A 44 13.34 -1.42 -1.96
CA PHE A 44 13.57 -0.54 -0.79
C PHE A 44 13.20 0.90 -1.19
N GLY A 45 13.24 1.82 -0.26
CA GLY A 45 12.89 3.22 -0.62
C GLY A 45 11.92 3.80 0.41
N ASN A 46 11.01 4.61 -0.04
CA ASN A 46 10.03 5.22 0.91
C ASN A 46 8.61 5.02 0.36
N PRO A 47 7.83 4.22 1.06
CA PRO A 47 6.44 3.93 0.64
C PRO A 47 5.53 5.11 0.97
N LEU A 48 6.04 6.14 1.59
CA LEU A 48 5.20 7.31 1.92
C LEU A 48 5.70 8.54 1.15
N ALA A 49 6.07 8.36 -0.10
CA ALA A 49 6.56 9.52 -0.90
C ALA A 49 5.46 9.97 -1.87
N PRO A 50 5.50 11.22 -2.23
CA PRO A 50 4.52 11.80 -3.17
C PRO A 50 4.85 11.34 -4.58
N ASN A 51 6.10 11.06 -4.84
CA ASN A 51 6.50 10.58 -6.19
C ASN A 51 6.68 9.06 -6.15
N PRO A 52 6.20 8.39 -7.18
CA PRO A 52 6.32 6.93 -7.28
C PRO A 52 7.75 6.53 -7.67
N ALA A 53 8.52 7.46 -8.19
CA ALA A 53 9.91 7.12 -8.57
C ALA A 53 10.77 6.99 -7.31
N ASP A 54 10.38 7.63 -6.25
CA ASP A 54 11.17 7.55 -4.99
C ASP A 54 10.39 6.70 -3.97
N LYS A 55 9.57 5.79 -4.44
CA LYS A 55 8.78 4.93 -3.52
C LYS A 55 9.66 3.76 -3.07
N CYS A 56 9.07 2.59 -2.89
CA CYS A 56 9.88 1.41 -2.47
C CYS A 56 10.34 0.68 -3.74
N LYS A 57 11.43 1.11 -4.34
CA LYS A 57 11.90 0.44 -5.58
C LYS A 57 13.27 -0.19 -5.32
N ALA A 58 13.74 -0.98 -6.26
CA ALA A 58 15.06 -1.65 -6.09
C ALA A 58 16.15 -0.58 -5.90
N ARG A 1 -15.91 7.92 7.08
CA ARG A 1 -15.50 7.66 5.67
C ARG A 1 -15.30 6.16 5.47
N PRO A 2 -15.30 5.74 4.23
CA PRO A 2 -15.13 4.32 3.86
C PRO A 2 -13.65 3.92 4.01
N CYS A 3 -13.36 2.67 3.81
CA CYS A 3 -11.94 2.22 3.94
C CYS A 3 -11.08 2.89 2.86
N GLN A 4 -10.50 4.02 3.19
CA GLN A 4 -9.64 4.72 2.18
C GLN A 4 -8.27 5.02 2.79
N CYS A 5 -7.31 4.15 2.59
CA CYS A 5 -5.96 4.39 3.17
C CYS A 5 -4.95 4.65 2.04
N ASN A 6 -4.85 5.88 1.58
CA ASN A 6 -3.89 6.21 0.47
C ASN A 6 -2.61 5.36 0.59
N ASP A 7 -1.56 5.91 1.16
CA ASP A 7 -0.30 5.14 1.30
C ASP A 7 -0.01 4.35 0.01
N ASN A 8 -0.43 3.11 -0.06
CA ASN A 8 -0.17 2.30 -1.29
C ASN A 8 -1.34 1.37 -1.55
N ILE A 9 -2.47 1.91 -1.91
CA ILE A 9 -3.64 1.04 -2.21
C ILE A 9 -4.40 1.66 -3.38
N ASP A 10 -5.26 0.92 -4.00
CA ASP A 10 -6.03 1.46 -5.15
C ASP A 10 -7.48 1.72 -4.71
N PRO A 11 -7.83 2.99 -4.60
CA PRO A 11 -9.18 3.40 -4.17
C PRO A 11 -10.19 3.26 -5.30
N ASN A 12 -9.75 2.91 -6.46
CA ASN A 12 -10.71 2.75 -7.60
C ASN A 12 -11.42 1.41 -7.47
N ALA A 13 -10.74 0.32 -7.69
CA ALA A 13 -11.39 -1.01 -7.57
C ALA A 13 -11.86 -1.21 -6.12
N VAL A 14 -12.77 -2.10 -5.89
CA VAL A 14 -13.27 -2.33 -4.51
C VAL A 14 -12.66 -3.63 -3.97
N GLY A 15 -12.49 -3.72 -2.67
CA GLY A 15 -11.89 -4.95 -2.09
C GLY A 15 -10.47 -4.65 -1.59
N ASN A 16 -9.99 -3.43 -1.80
CA ASN A 16 -8.61 -3.10 -1.34
C ASN A 16 -8.46 -3.28 0.19
N CYS A 17 -9.53 -3.57 0.89
CA CYS A 17 -9.41 -3.75 2.36
C CYS A 17 -9.89 -5.14 2.73
N ASN A 18 -9.82 -5.49 3.99
CA ASN A 18 -10.27 -6.85 4.40
C ASN A 18 -11.74 -6.76 4.83
N ARG A 19 -12.58 -7.65 4.37
CA ARG A 19 -14.02 -7.57 4.74
C ARG A 19 -14.27 -7.91 6.21
N LEU A 20 -13.29 -8.43 6.90
CA LEU A 20 -13.52 -8.78 8.33
C LEU A 20 -12.91 -7.73 9.27
N THR A 21 -11.68 -7.33 9.05
CA THR A 21 -11.06 -6.31 9.93
C THR A 21 -11.31 -4.91 9.37
N GLY A 22 -11.54 -4.79 8.09
CA GLY A 22 -11.79 -3.45 7.49
C GLY A 22 -10.48 -2.65 7.47
N GLU A 23 -9.48 -3.13 6.76
CA GLU A 23 -8.19 -2.39 6.71
C GLU A 23 -7.54 -2.61 5.34
N CYS A 24 -6.68 -1.72 4.93
CA CYS A 24 -6.02 -1.88 3.60
C CYS A 24 -5.14 -3.13 3.60
N LEU A 25 -5.50 -4.14 2.84
CA LEU A 25 -4.66 -5.37 2.82
C LEU A 25 -4.31 -5.75 1.38
N LYS A 26 -3.98 -4.77 0.58
CA LYS A 26 -3.63 -5.04 -0.85
C LYS A 26 -2.70 -3.92 -1.35
N CYS A 27 -1.49 -3.84 -0.86
CA CYS A 27 -0.57 -2.75 -1.30
C CYS A 27 -0.47 -2.76 -2.83
N ILE A 28 -0.21 -1.61 -3.42
CA ILE A 28 -0.10 -1.52 -4.90
C ILE A 28 1.36 -1.37 -5.34
N TYR A 29 2.02 -0.35 -4.89
CA TYR A 29 3.44 -0.11 -5.30
C TYR A 29 4.42 -1.04 -4.55
N ASN A 30 4.14 -2.31 -4.47
CA ASN A 30 5.07 -3.25 -3.77
C ASN A 30 5.45 -2.70 -2.40
N THR A 31 4.50 -2.56 -1.52
CA THR A 31 4.81 -2.04 -0.17
C THR A 31 4.34 -3.07 0.87
N ALA A 32 4.87 -3.03 2.06
CA ALA A 32 4.45 -4.02 3.10
C ALA A 32 3.80 -3.29 4.27
N GLY A 33 3.66 -3.94 5.39
CA GLY A 33 3.03 -3.29 6.57
C GLY A 33 1.51 -3.49 6.51
N PHE A 34 0.88 -3.59 7.64
CA PHE A 34 -0.60 -3.79 7.67
C PHE A 34 -1.29 -2.70 6.83
N TYR A 35 -0.74 -1.51 6.78
CA TYR A 35 -1.38 -0.43 5.97
C TYR A 35 -0.41 0.05 4.90
N CYS A 36 0.34 -0.86 4.32
CA CYS A 36 1.32 -0.45 3.26
C CYS A 36 2.22 0.65 3.81
N ASP A 37 2.83 0.42 4.94
CA ASP A 37 3.73 1.46 5.52
C ASP A 37 5.19 1.02 5.37
N ARG A 38 5.43 -0.05 4.68
CA ARG A 38 6.82 -0.52 4.50
C ARG A 38 7.09 -0.79 3.02
N CYS A 39 8.17 -1.45 2.74
CA CYS A 39 8.54 -1.76 1.33
C CYS A 39 8.64 -3.29 1.17
N LYS A 40 8.11 -3.86 0.12
CA LYS A 40 8.20 -5.34 -0.02
C LYS A 40 9.66 -5.78 0.01
N GLU A 41 9.92 -6.94 0.57
CA GLU A 41 11.33 -7.43 0.65
C GLU A 41 11.92 -7.55 -0.76
N GLY A 42 13.03 -6.92 -1.01
CA GLY A 42 13.63 -6.98 -2.37
C GLY A 42 13.76 -5.56 -2.87
N PHE A 43 12.86 -4.71 -2.46
CA PHE A 43 12.95 -3.30 -2.85
C PHE A 43 12.88 -2.43 -1.62
N PHE A 44 13.80 -1.54 -1.51
CA PHE A 44 13.85 -0.61 -0.33
C PHE A 44 13.46 0.80 -0.79
N GLY A 45 13.36 1.73 0.11
CA GLY A 45 12.99 3.11 -0.30
C GLY A 45 12.03 3.73 0.72
N ASN A 46 11.14 4.56 0.26
CA ASN A 46 10.19 5.23 1.20
C ASN A 46 8.77 5.19 0.60
N PRO A 47 7.96 4.29 1.10
CA PRO A 47 6.57 4.14 0.62
C PRO A 47 5.69 5.28 1.16
N LEU A 48 6.26 6.18 1.90
CA LEU A 48 5.48 7.32 2.45
C LEU A 48 5.90 8.61 1.74
N ALA A 49 6.15 8.53 0.46
CA ALA A 49 6.58 9.75 -0.29
C ALA A 49 5.50 10.14 -1.30
N PRO A 50 5.49 11.39 -1.69
CA PRO A 50 4.52 11.91 -2.67
C PRO A 50 4.90 11.46 -4.08
N ASN A 51 6.11 11.01 -4.26
CA ASN A 51 6.55 10.54 -5.61
C ASN A 51 6.45 9.02 -5.66
N PRO A 52 5.78 8.52 -6.69
CA PRO A 52 5.61 7.07 -6.87
C PRO A 52 6.90 6.43 -7.38
N ALA A 53 7.78 7.21 -7.95
CA ALA A 53 9.07 6.63 -8.46
C ALA A 53 10.12 6.67 -7.35
N ASP A 54 9.74 7.07 -6.18
CA ASP A 54 10.73 7.13 -5.05
C ASP A 54 10.30 6.20 -3.91
N LYS A 55 9.20 5.50 -4.07
CA LYS A 55 8.74 4.59 -2.98
C LYS A 55 9.70 3.39 -2.84
N CYS A 56 9.28 2.19 -3.20
CA CYS A 56 10.18 1.02 -3.06
C CYS A 56 10.82 0.72 -4.42
N LYS A 57 12.04 0.23 -4.42
CA LYS A 57 12.72 -0.10 -5.71
C LYS A 57 13.87 -1.07 -5.42
N ALA A 58 14.42 -1.67 -6.45
CA ALA A 58 15.54 -2.63 -6.23
C ALA A 58 16.81 -1.86 -5.85
N ARG A 1 -16.63 6.56 -2.87
CA ARG A 1 -15.87 5.30 -3.02
C ARG A 1 -15.97 4.48 -1.73
N PRO A 2 -15.72 3.19 -1.85
CA PRO A 2 -15.76 2.26 -0.70
C PRO A 2 -14.50 2.41 0.16
N CYS A 3 -14.16 1.39 0.92
CA CYS A 3 -12.95 1.45 1.79
C CYS A 3 -11.83 2.22 1.09
N GLN A 4 -11.00 2.89 1.85
CA GLN A 4 -9.88 3.65 1.23
C GLN A 4 -9.03 4.30 2.31
N CYS A 5 -7.78 3.94 2.41
CA CYS A 5 -6.89 4.56 3.44
C CYS A 5 -5.87 5.45 2.74
N ASN A 6 -5.29 6.38 3.44
CA ASN A 6 -4.28 7.27 2.81
C ASN A 6 -2.94 6.53 2.72
N ASP A 7 -2.73 5.75 1.68
CA ASP A 7 -1.45 5.01 1.56
C ASP A 7 -1.36 4.36 0.17
N ASN A 8 -0.86 3.15 0.09
CA ASN A 8 -0.73 2.48 -1.23
C ASN A 8 -1.92 1.55 -1.46
N ILE A 9 -3.01 2.08 -1.93
CA ILE A 9 -4.21 1.24 -2.20
C ILE A 9 -5.00 1.85 -3.35
N ASP A 10 -5.69 1.04 -4.11
CA ASP A 10 -6.47 1.57 -5.25
C ASP A 10 -7.97 1.49 -4.93
N PRO A 11 -8.65 2.61 -5.05
CA PRO A 11 -10.10 2.68 -4.77
C PRO A 11 -10.92 2.05 -5.89
N ASN A 12 -10.31 1.83 -7.03
CA ASN A 12 -11.08 1.21 -8.16
C ASN A 12 -11.16 -0.31 -7.95
N ALA A 13 -10.07 -1.00 -8.11
CA ALA A 13 -10.10 -2.48 -7.92
C ALA A 13 -10.63 -2.82 -6.53
N VAL A 14 -10.79 -4.08 -6.23
CA VAL A 14 -11.31 -4.48 -4.90
C VAL A 14 -10.22 -5.25 -4.14
N GLY A 15 -10.36 -5.40 -2.85
CA GLY A 15 -9.33 -6.14 -2.07
C GLY A 15 -8.51 -5.15 -1.23
N ASN A 16 -8.56 -3.89 -1.55
CA ASN A 16 -7.77 -2.89 -0.76
C ASN A 16 -8.27 -2.81 0.69
N CYS A 17 -9.30 -3.52 1.04
CA CYS A 17 -9.79 -3.46 2.45
C CYS A 17 -10.10 -4.88 2.93
N ASN A 18 -9.82 -5.17 4.17
CA ASN A 18 -10.10 -6.55 4.67
C ASN A 18 -11.60 -6.67 4.95
N ARG A 19 -12.25 -7.64 4.37
CA ARG A 19 -13.71 -7.79 4.58
C ARG A 19 -14.02 -8.14 6.04
N LEU A 20 -13.04 -8.66 6.75
CA LEU A 20 -13.29 -9.05 8.17
C LEU A 20 -12.67 -8.03 9.15
N THR A 21 -11.48 -7.57 8.90
CA THR A 21 -10.84 -6.61 9.83
C THR A 21 -11.28 -5.17 9.50
N GLY A 22 -11.37 -4.85 8.23
CA GLY A 22 -11.79 -3.46 7.86
C GLY A 22 -10.56 -2.54 7.85
N GLU A 23 -9.67 -2.70 6.90
CA GLU A 23 -8.46 -1.82 6.85
C GLU A 23 -7.68 -2.14 5.57
N CYS A 24 -6.79 -1.27 5.16
CA CYS A 24 -6.03 -1.53 3.91
C CYS A 24 -5.44 -2.95 3.93
N LEU A 25 -5.74 -3.75 2.93
CA LEU A 25 -5.22 -5.16 2.93
C LEU A 25 -4.40 -5.46 1.66
N LYS A 26 -4.68 -4.80 0.55
CA LYS A 26 -3.92 -5.11 -0.70
C LYS A 26 -3.07 -3.89 -1.13
N CYS A 27 -1.88 -3.74 -0.60
CA CYS A 27 -1.02 -2.59 -0.99
C CYS A 27 -0.82 -2.58 -2.52
N ILE A 28 -0.58 -1.43 -3.10
CA ILE A 28 -0.39 -1.37 -4.59
C ILE A 28 1.07 -1.15 -4.99
N TYR A 29 1.61 0.00 -4.69
CA TYR A 29 3.01 0.34 -5.10
C TYR A 29 4.07 -0.49 -4.36
N ASN A 30 4.23 -1.74 -4.74
CA ASN A 30 5.27 -2.62 -4.11
C ASN A 30 5.54 -2.22 -2.66
N THR A 31 4.52 -2.12 -1.87
CA THR A 31 4.72 -1.75 -0.45
C THR A 31 4.17 -2.85 0.44
N ALA A 32 4.71 -3.01 1.61
CA ALA A 32 4.23 -4.09 2.52
C ALA A 32 3.70 -3.50 3.82
N GLY A 33 3.73 -4.25 4.88
CA GLY A 33 3.23 -3.74 6.17
C GLY A 33 1.70 -3.87 6.21
N PHE A 34 1.15 -4.09 7.36
CA PHE A 34 -0.33 -4.24 7.46
C PHE A 34 -1.03 -2.98 6.94
N TYR A 35 -0.37 -1.84 6.95
CA TYR A 35 -1.03 -0.60 6.47
C TYR A 35 -0.33 -0.09 5.20
N CYS A 36 0.39 -0.93 4.52
CA CYS A 36 1.09 -0.49 3.28
C CYS A 36 2.11 0.59 3.62
N ASP A 37 2.65 0.54 4.81
CA ASP A 37 3.65 1.57 5.21
C ASP A 37 5.05 0.94 5.15
N ARG A 38 5.22 -0.09 4.36
CA ARG A 38 6.54 -0.73 4.26
C ARG A 38 6.92 -0.89 2.79
N CYS A 39 8.02 -1.49 2.54
CA CYS A 39 8.48 -1.71 1.13
C CYS A 39 8.65 -3.21 0.89
N LYS A 40 8.27 -3.73 -0.25
CA LYS A 40 8.41 -5.19 -0.47
C LYS A 40 9.87 -5.60 -0.23
N GLU A 41 10.07 -6.75 0.37
CA GLU A 41 11.45 -7.22 0.65
C GLU A 41 12.21 -7.38 -0.66
N GLY A 42 13.38 -6.82 -0.75
CA GLY A 42 14.16 -6.91 -2.01
C GLY A 42 14.41 -5.50 -2.47
N PHE A 43 13.45 -4.65 -2.28
CA PHE A 43 13.62 -3.24 -2.64
C PHE A 43 13.24 -2.37 -1.46
N PHE A 44 14.09 -1.48 -1.12
CA PHE A 44 13.83 -0.56 0.02
C PHE A 44 13.61 0.85 -0.52
N GLY A 45 13.38 1.79 0.34
CA GLY A 45 13.16 3.18 -0.15
C GLY A 45 12.04 3.84 0.64
N ASN A 46 11.20 4.57 -0.03
CA ASN A 46 10.08 5.26 0.68
C ASN A 46 8.75 4.85 0.03
N PRO A 47 8.06 3.94 0.65
CA PRO A 47 6.76 3.44 0.17
C PRO A 47 5.64 4.42 0.52
N LEU A 48 5.92 5.42 1.31
CA LEU A 48 4.86 6.39 1.69
C LEU A 48 5.13 7.74 1.03
N ALA A 49 5.60 7.74 -0.20
CA ALA A 49 5.87 9.02 -0.89
C ALA A 49 4.82 9.22 -1.99
N PRO A 50 4.56 10.46 -2.31
CA PRO A 50 3.59 10.81 -3.36
C PRO A 50 4.21 10.53 -4.73
N ASN A 51 5.51 10.60 -4.80
CA ASN A 51 6.21 10.32 -6.09
C ASN A 51 6.78 8.90 -6.04
N PRO A 52 6.58 8.15 -7.09
CA PRO A 52 7.08 6.77 -7.19
C PRO A 52 8.59 6.77 -7.44
N ALA A 53 9.21 7.92 -7.56
CA ALA A 53 10.68 7.93 -7.79
C ALA A 53 11.40 7.55 -6.49
N ASP A 54 10.78 7.83 -5.38
CA ASP A 54 11.39 7.46 -4.08
C ASP A 54 10.66 6.25 -3.53
N LYS A 55 10.19 5.40 -4.41
CA LYS A 55 9.44 4.18 -3.98
C LYS A 55 10.41 3.16 -3.39
N CYS A 56 10.15 1.88 -3.60
CA CYS A 56 11.07 0.84 -3.05
C CYS A 56 12.00 0.36 -4.17
N LYS A 57 13.17 0.92 -4.28
CA LYS A 57 14.11 0.48 -5.34
C LYS A 57 15.17 -0.45 -4.74
N ALA A 58 16.22 -0.72 -5.46
CA ALA A 58 17.28 -1.61 -4.92
C ALA A 58 18.06 -0.89 -3.84
N ARG A 1 -13.38 9.31 -4.51
CA ARG A 1 -13.65 8.47 -3.31
C ARG A 1 -12.69 7.27 -3.31
N PRO A 2 -11.58 7.44 -2.62
CA PRO A 2 -10.56 6.39 -2.52
C PRO A 2 -10.97 5.33 -1.49
N CYS A 3 -10.06 4.47 -1.11
CA CYS A 3 -10.41 3.43 -0.10
C CYS A 3 -9.91 3.86 1.28
N GLN A 4 -10.52 3.36 2.31
CA GLN A 4 -10.09 3.73 3.70
C GLN A 4 -8.56 3.82 3.78
N CYS A 5 -7.91 2.76 4.23
CA CYS A 5 -6.42 2.82 4.31
C CYS A 5 -5.84 3.22 2.96
N ASN A 6 -5.04 4.26 2.93
CA ASN A 6 -4.45 4.71 1.64
C ASN A 6 -2.97 4.33 1.59
N ASP A 7 -2.14 5.15 1.01
CA ASP A 7 -0.68 4.84 0.93
C ASP A 7 -0.39 3.92 -0.25
N ASN A 8 -0.76 2.66 -0.17
CA ASN A 8 -0.45 1.73 -1.30
C ASN A 8 -1.65 0.82 -1.58
N ILE A 9 -2.72 1.36 -2.13
CA ILE A 9 -3.90 0.51 -2.45
C ILE A 9 -4.51 0.96 -3.77
N ASP A 10 -5.11 0.05 -4.50
CA ASP A 10 -5.73 0.43 -5.81
C ASP A 10 -7.26 0.38 -5.70
N PRO A 11 -7.91 1.45 -6.06
CA PRO A 11 -9.38 1.54 -6.02
C PRO A 11 -10.00 0.82 -7.22
N ASN A 12 -9.19 0.43 -8.16
CA ASN A 12 -9.73 -0.27 -9.37
C ASN A 12 -10.03 -1.73 -9.02
N ALA A 13 -9.02 -2.55 -8.90
CA ALA A 13 -9.26 -3.98 -8.58
C ALA A 13 -9.91 -4.09 -7.19
N VAL A 14 -10.36 -5.26 -6.84
CA VAL A 14 -11.00 -5.43 -5.50
C VAL A 14 -10.06 -6.21 -4.57
N GLY A 15 -10.22 -6.07 -3.29
CA GLY A 15 -9.33 -6.80 -2.34
C GLY A 15 -8.34 -5.81 -1.70
N ASN A 16 -7.96 -4.79 -2.43
CA ASN A 16 -7.00 -3.80 -1.86
C ASN A 16 -7.41 -3.44 -0.43
N CYS A 17 -8.66 -3.59 -0.08
CA CYS A 17 -9.10 -3.25 1.30
C CYS A 17 -9.86 -4.44 1.89
N ASN A 18 -10.01 -4.50 3.19
CA ASN A 18 -10.76 -5.64 3.79
C ASN A 18 -12.22 -5.20 4.01
N ARG A 19 -13.17 -5.98 3.57
CA ARG A 19 -14.59 -5.59 3.73
C ARG A 19 -14.95 -5.49 5.21
N LEU A 20 -14.39 -6.32 6.05
CA LEU A 20 -14.74 -6.26 7.50
C LEU A 20 -13.67 -5.53 8.32
N THR A 21 -12.41 -5.71 8.01
CA THR A 21 -11.35 -5.03 8.80
C THR A 21 -11.11 -3.61 8.26
N GLY A 22 -11.63 -3.28 7.10
CA GLY A 22 -11.42 -1.92 6.56
C GLY A 22 -9.92 -1.58 6.60
N GLU A 23 -9.09 -2.50 6.19
CA GLU A 23 -7.63 -2.24 6.21
C GLU A 23 -7.04 -2.59 4.83
N CYS A 24 -5.80 -2.26 4.58
CA CYS A 24 -5.21 -2.58 3.25
C CYS A 24 -5.02 -4.09 3.11
N LEU A 25 -5.88 -4.77 2.40
CA LEU A 25 -5.74 -6.25 2.26
C LEU A 25 -4.66 -6.56 1.22
N LYS A 26 -4.20 -5.60 0.46
CA LYS A 26 -3.17 -5.92 -0.58
C LYS A 26 -2.41 -4.64 -1.01
N CYS A 27 -1.25 -4.35 -0.44
CA CYS A 27 -0.50 -3.13 -0.88
C CYS A 27 -0.30 -3.20 -2.40
N ILE A 28 -0.15 -2.07 -3.06
CA ILE A 28 0.03 -2.11 -4.55
C ILE A 28 1.48 -1.90 -4.99
N TYR A 29 2.05 -0.78 -4.64
CA TYR A 29 3.45 -0.47 -5.08
C TYR A 29 4.49 -1.27 -4.29
N ASN A 30 4.25 -2.52 -3.99
CA ASN A 30 5.26 -3.33 -3.25
C ASN A 30 5.58 -2.69 -1.91
N THR A 31 4.65 -2.70 -1.01
CA THR A 31 4.91 -2.11 0.33
C THR A 31 4.40 -3.09 1.39
N ALA A 32 5.03 -3.14 2.52
CA ALA A 32 4.57 -4.09 3.57
C ALA A 32 3.95 -3.32 4.75
N GLY A 33 3.89 -3.95 5.90
CA GLY A 33 3.30 -3.26 7.09
C GLY A 33 1.78 -3.45 7.10
N PHE A 34 1.21 -3.53 8.26
CA PHE A 34 -0.28 -3.73 8.35
C PHE A 34 -0.99 -2.70 7.46
N TYR A 35 -0.42 -1.53 7.28
CA TYR A 35 -1.08 -0.51 6.43
C TYR A 35 -0.12 -0.07 5.33
N CYS A 36 0.57 -1.00 4.71
CA CYS A 36 1.53 -0.60 3.63
C CYS A 36 2.46 0.48 4.18
N ASP A 37 3.01 0.26 5.34
CA ASP A 37 3.91 1.28 5.96
C ASP A 37 5.39 0.90 5.72
N ARG A 38 5.64 -0.16 5.01
CA ARG A 38 7.05 -0.57 4.76
C ARG A 38 7.26 -0.82 3.28
N CYS A 39 8.40 -1.34 2.93
CA CYS A 39 8.70 -1.63 1.50
C CYS A 39 8.92 -3.15 1.34
N LYS A 40 8.27 -3.77 0.39
CA LYS A 40 8.45 -5.24 0.21
C LYS A 40 9.94 -5.56 0.00
N GLU A 41 10.38 -6.69 0.47
CA GLU A 41 11.81 -7.09 0.32
C GLU A 41 12.15 -7.22 -1.16
N GLY A 42 13.21 -6.58 -1.60
CA GLY A 42 13.58 -6.65 -3.04
C GLY A 42 13.61 -5.21 -3.54
N PHE A 43 12.72 -4.42 -3.03
CA PHE A 43 12.71 -3.00 -3.41
C PHE A 43 12.75 -2.16 -2.15
N PHE A 44 13.61 -1.20 -2.15
CA PHE A 44 13.75 -0.31 -0.97
C PHE A 44 13.26 1.09 -1.35
N GLY A 45 13.35 2.04 -0.45
CA GLY A 45 12.88 3.41 -0.79
C GLY A 45 11.90 3.90 0.27
N ASN A 46 10.92 4.66 -0.14
CA ASN A 46 9.92 5.19 0.84
C ASN A 46 8.51 4.89 0.32
N PRO A 47 7.75 4.15 1.08
CA PRO A 47 6.38 3.77 0.69
C PRO A 47 5.40 4.93 0.90
N LEU A 48 5.76 5.92 1.67
CA LEU A 48 4.85 7.07 1.89
C LEU A 48 5.39 8.31 1.19
N ALA A 49 5.98 8.16 0.04
CA ALA A 49 6.51 9.34 -0.69
C ALA A 49 5.44 9.86 -1.65
N PRO A 50 5.48 11.13 -1.92
CA PRO A 50 4.52 11.77 -2.84
C PRO A 50 4.87 11.38 -4.27
N ASN A 51 6.13 11.15 -4.52
CA ASN A 51 6.56 10.76 -5.89
C ASN A 51 6.78 9.24 -5.92
N PRO A 52 6.19 8.57 -6.86
CA PRO A 52 6.32 7.11 -6.99
C PRO A 52 7.71 6.74 -7.53
N ALA A 53 8.46 7.71 -8.02
CA ALA A 53 9.81 7.40 -8.54
C ALA A 53 10.75 7.14 -7.35
N ASP A 54 10.41 7.66 -6.21
CA ASP A 54 11.26 7.44 -5.00
C ASP A 54 10.53 6.53 -4.03
N LYS A 55 9.50 5.87 -4.49
CA LYS A 55 8.72 4.96 -3.60
C LYS A 55 9.61 3.78 -3.17
N CYS A 56 9.03 2.61 -2.98
CA CYS A 56 9.84 1.43 -2.58
C CYS A 56 10.30 0.71 -3.84
N LYS A 57 11.35 1.16 -4.46
CA LYS A 57 11.83 0.50 -5.71
C LYS A 57 13.30 0.10 -5.55
N ALA A 58 13.90 -0.39 -6.60
CA ALA A 58 15.34 -0.80 -6.50
C ALA A 58 16.19 0.43 -6.21
N ARG A 1 -16.78 6.16 8.65
CA ARG A 1 -15.71 6.97 8.00
C ARG A 1 -15.17 6.23 6.78
N PRO A 2 -14.64 6.97 5.84
CA PRO A 2 -14.09 6.40 4.60
C PRO A 2 -12.72 5.78 4.85
N CYS A 3 -12.31 4.85 4.03
CA CYS A 3 -10.97 4.22 4.22
C CYS A 3 -9.89 5.30 4.12
N GLN A 4 -8.71 5.04 4.63
CA GLN A 4 -7.64 6.07 4.56
C GLN A 4 -6.29 5.42 4.81
N CYS A 5 -5.42 5.44 3.83
CA CYS A 5 -4.07 4.85 4.01
C CYS A 5 -3.13 5.47 2.98
N ASN A 6 -1.86 5.12 3.02
CA ASN A 6 -0.93 5.69 2.02
C ASN A 6 -1.52 5.47 0.63
N ASP A 7 -1.10 6.22 -0.35
CA ASP A 7 -1.67 6.04 -1.71
C ASP A 7 -1.00 4.84 -2.38
N ASN A 8 -1.36 3.64 -1.98
CA ASN A 8 -0.74 2.44 -2.61
C ASN A 8 -1.77 1.31 -2.72
N ILE A 9 -2.77 1.48 -3.55
CA ILE A 9 -3.79 0.42 -3.72
C ILE A 9 -4.34 0.50 -5.15
N ASP A 10 -5.21 -0.40 -5.54
CA ASP A 10 -5.75 -0.35 -6.93
C ASP A 10 -7.20 0.15 -6.88
N PRO A 11 -7.60 0.86 -7.92
CA PRO A 11 -8.95 1.43 -8.02
C PRO A 11 -9.98 0.35 -8.40
N ASN A 12 -9.63 -0.53 -9.30
CA ASN A 12 -10.59 -1.58 -9.73
C ASN A 12 -10.71 -2.73 -8.70
N ALA A 13 -9.92 -2.73 -7.64
CA ALA A 13 -10.06 -3.85 -6.66
C ALA A 13 -11.45 -3.78 -6.03
N VAL A 14 -11.68 -4.53 -4.98
CA VAL A 14 -13.03 -4.50 -4.34
C VAL A 14 -12.98 -3.72 -3.02
N GLY A 15 -13.03 -2.41 -3.09
CA GLY A 15 -12.99 -1.61 -1.83
C GLY A 15 -11.54 -1.42 -1.36
N ASN A 16 -10.64 -2.29 -1.76
CA ASN A 16 -9.22 -2.15 -1.34
C ASN A 16 -9.12 -2.10 0.20
N CYS A 17 -10.15 -2.47 0.91
CA CYS A 17 -10.09 -2.43 2.39
C CYS A 17 -10.46 -3.80 2.96
N ASN A 18 -10.08 -4.08 4.18
CA ASN A 18 -10.43 -5.40 4.76
C ASN A 18 -11.93 -5.40 5.08
N ARG A 19 -12.67 -6.29 4.49
CA ARG A 19 -14.14 -6.32 4.74
C ARG A 19 -14.45 -6.65 6.19
N LEU A 20 -13.52 -7.23 6.91
CA LEU A 20 -13.82 -7.57 8.33
C LEU A 20 -13.27 -6.50 9.28
N THR A 21 -12.09 -6.00 9.04
CA THR A 21 -11.53 -4.95 9.94
C THR A 21 -11.90 -3.56 9.43
N GLY A 22 -11.41 -3.20 8.27
CA GLY A 22 -11.71 -1.85 7.72
C GLY A 22 -10.40 -1.06 7.58
N GLU A 23 -9.62 -1.32 6.56
CA GLU A 23 -8.33 -0.59 6.40
C GLU A 23 -7.66 -1.06 5.10
N CYS A 24 -6.76 -0.30 4.55
CA CYS A 24 -6.11 -0.75 3.28
C CYS A 24 -5.66 -2.20 3.44
N LEU A 25 -6.18 -3.08 2.63
CA LEU A 25 -5.84 -4.52 2.76
C LEU A 25 -5.32 -5.07 1.42
N LYS A 26 -4.75 -4.22 0.60
CA LYS A 26 -4.22 -4.69 -0.72
C LYS A 26 -3.18 -3.71 -1.26
N CYS A 27 -2.08 -3.52 -0.57
CA CYS A 27 -1.05 -2.57 -1.06
C CYS A 27 -0.63 -2.94 -2.48
N ILE A 28 -0.22 -1.99 -3.28
CA ILE A 28 0.18 -2.32 -4.68
C ILE A 28 1.70 -2.12 -4.89
N TYR A 29 2.17 -0.92 -4.78
CA TYR A 29 3.62 -0.62 -5.02
C TYR A 29 4.55 -1.39 -4.09
N ASN A 30 4.81 -2.63 -4.41
CA ASN A 30 5.75 -3.48 -3.61
C ASN A 30 5.85 -3.00 -2.17
N THR A 31 4.75 -2.83 -1.51
CA THR A 31 4.81 -2.35 -0.10
C THR A 31 4.16 -3.36 0.83
N ALA A 32 4.69 -3.50 2.01
CA ALA A 32 4.11 -4.47 2.97
C ALA A 32 3.55 -3.73 4.19
N GLY A 33 3.20 -4.44 5.22
CA GLY A 33 2.65 -3.77 6.43
C GLY A 33 1.13 -3.71 6.33
N PHE A 34 0.44 -3.77 7.43
CA PHE A 34 -1.04 -3.72 7.41
C PHE A 34 -1.50 -2.50 6.61
N TYR A 35 -0.71 -1.45 6.56
CA TYR A 35 -1.13 -0.23 5.79
C TYR A 35 -0.03 0.15 4.81
N CYS A 36 0.62 -0.81 4.20
CA CYS A 36 1.69 -0.46 3.21
C CYS A 36 2.68 0.49 3.89
N ASP A 37 3.18 0.12 5.03
CA ASP A 37 4.13 1.01 5.76
C ASP A 37 5.57 0.59 5.47
N ARG A 38 5.78 -0.51 4.80
CA ARG A 38 7.17 -0.96 4.53
C ARG A 38 7.31 -1.31 3.05
N CYS A 39 8.44 -1.81 2.67
CA CYS A 39 8.68 -2.20 1.25
C CYS A 39 9.06 -3.69 1.21
N LYS A 40 8.51 -4.45 0.29
CA LYS A 40 8.85 -5.90 0.25
C LYS A 40 10.37 -6.04 0.12
N GLU A 41 10.92 -7.10 0.64
CA GLU A 41 12.39 -7.31 0.57
C GLU A 41 12.83 -7.35 -0.89
N GLY A 42 13.86 -6.62 -1.24
CA GLY A 42 14.32 -6.60 -2.66
C GLY A 42 14.28 -5.16 -3.10
N PHE A 43 13.31 -4.44 -2.65
CA PHE A 43 13.23 -3.01 -3.00
C PHE A 43 13.19 -2.19 -1.72
N PHE A 44 14.02 -1.22 -1.65
CA PHE A 44 14.07 -0.34 -0.45
C PHE A 44 13.63 1.07 -0.86
N GLY A 45 13.47 1.96 0.08
CA GLY A 45 13.04 3.34 -0.29
C GLY A 45 11.93 3.81 0.66
N ASN A 46 11.04 4.62 0.18
CA ASN A 46 9.94 5.12 1.04
C ASN A 46 8.59 4.58 0.52
N PRO A 47 8.02 3.65 1.24
CA PRO A 47 6.73 3.04 0.86
C PRO A 47 5.58 3.97 1.27
N LEU A 48 5.86 4.96 2.07
CA LEU A 48 4.79 5.89 2.52
C LEU A 48 5.01 7.26 1.87
N ALA A 49 5.43 7.30 0.64
CA ALA A 49 5.64 8.61 -0.03
C ALA A 49 4.46 8.93 -0.94
N PRO A 50 4.17 10.20 -1.09
CA PRO A 50 3.06 10.65 -1.95
C PRO A 50 3.47 10.56 -3.43
N ASN A 51 4.74 10.56 -3.69
CA ASN A 51 5.22 10.46 -5.09
C ASN A 51 5.65 9.01 -5.37
N PRO A 52 5.25 8.49 -6.49
CA PRO A 52 5.59 7.11 -6.89
C PRO A 52 7.05 7.02 -7.34
N ALA A 53 7.64 8.13 -7.69
CA ALA A 53 9.07 8.09 -8.12
C ALA A 53 9.97 7.92 -6.89
N ASP A 54 9.50 8.36 -5.75
CA ASP A 54 10.32 8.23 -4.51
C ASP A 54 9.70 7.13 -3.63
N LYS A 55 9.23 6.08 -4.22
CA LYS A 55 8.62 4.98 -3.43
C LYS A 55 9.70 3.95 -3.04
N CYS A 56 9.36 2.69 -2.99
CA CYS A 56 10.37 1.67 -2.62
C CYS A 56 10.86 0.95 -3.88
N LYS A 57 12.06 1.25 -4.31
CA LYS A 57 12.60 0.57 -5.53
C LYS A 57 13.94 -0.08 -5.19
N ALA A 58 14.49 -0.84 -6.10
CA ALA A 58 15.80 -1.51 -5.82
C ALA A 58 16.94 -0.53 -6.11
N ARG A 1 -15.68 1.98 8.71
CA ARG A 1 -15.73 1.45 7.32
C ARG A 1 -14.86 0.19 7.22
N PRO A 2 -15.02 -0.52 6.13
CA PRO A 2 -14.26 -1.75 5.87
C PRO A 2 -12.84 -1.43 5.40
N CYS A 3 -12.70 -0.73 4.31
CA CYS A 3 -11.35 -0.38 3.80
C CYS A 3 -10.79 0.81 4.60
N GLN A 4 -9.56 1.18 4.35
CA GLN A 4 -8.97 2.33 5.08
C GLN A 4 -7.52 2.55 4.62
N CYS A 5 -6.54 2.38 5.50
CA CYS A 5 -5.09 2.56 5.15
C CYS A 5 -4.90 2.98 3.69
N ASN A 6 -4.94 4.25 3.41
CA ASN A 6 -4.76 4.72 2.01
C ASN A 6 -3.26 4.68 1.66
N ASP A 7 -2.75 5.70 1.01
CA ASP A 7 -1.30 5.72 0.65
C ASP A 7 -1.02 4.78 -0.52
N ASN A 8 -0.91 3.50 -0.27
CA ASN A 8 -0.61 2.55 -1.38
C ASN A 8 -1.78 1.59 -1.59
N ILE A 9 -2.85 2.06 -2.16
CA ILE A 9 -4.02 1.18 -2.41
C ILE A 9 -4.81 1.73 -3.59
N ASP A 10 -5.41 0.88 -4.37
CA ASP A 10 -6.19 1.37 -5.55
C ASP A 10 -7.69 1.16 -5.28
N PRO A 11 -8.47 2.20 -5.46
CA PRO A 11 -9.92 2.16 -5.24
C PRO A 11 -10.62 1.45 -6.40
N ASN A 12 -9.93 1.27 -7.49
CA ASN A 12 -10.56 0.59 -8.66
C ASN A 12 -10.56 -0.92 -8.43
N ALA A 13 -9.41 -1.55 -8.52
CA ALA A 13 -9.37 -3.03 -8.30
C ALA A 13 -9.96 -3.36 -6.93
N VAL A 14 -10.31 -4.59 -6.70
CA VAL A 14 -10.89 -4.96 -5.38
C VAL A 14 -9.88 -5.80 -4.60
N GLY A 15 -9.93 -5.75 -3.30
CA GLY A 15 -8.96 -6.54 -2.49
C GLY A 15 -8.02 -5.59 -1.74
N ASN A 16 -7.76 -4.42 -2.29
CA ASN A 16 -6.85 -3.47 -1.62
C ASN A 16 -7.15 -3.43 -0.13
N CYS A 17 -8.36 -3.73 0.26
CA CYS A 17 -8.70 -3.73 1.72
C CYS A 17 -9.30 -5.08 2.09
N ASN A 18 -9.12 -5.53 3.31
CA ASN A 18 -9.69 -6.84 3.73
C ASN A 18 -11.16 -6.62 4.11
N ARG A 19 -12.07 -7.36 3.53
CA ARG A 19 -13.50 -7.16 3.87
C ARG A 19 -13.77 -7.54 5.33
N LEU A 20 -13.08 -8.53 5.84
CA LEU A 20 -13.32 -8.96 7.25
C LEU A 20 -12.27 -8.37 8.21
N THR A 21 -11.05 -8.21 7.77
CA THR A 21 -10.00 -7.66 8.68
C THR A 21 -9.98 -6.13 8.61
N GLY A 22 -10.47 -5.56 7.53
CA GLY A 22 -10.45 -4.08 7.42
C GLY A 22 -9.00 -3.59 7.49
N GLU A 23 -8.21 -3.85 6.47
CA GLU A 23 -6.79 -3.42 6.50
C GLU A 23 -6.21 -3.49 5.07
N CYS A 24 -5.05 -2.96 4.82
CA CYS A 24 -4.49 -3.04 3.45
C CYS A 24 -4.20 -4.50 3.09
N LEU A 25 -5.07 -5.11 2.33
CA LEU A 25 -4.85 -6.55 1.96
C LEU A 25 -3.94 -6.63 0.73
N LYS A 26 -3.92 -5.62 -0.10
CA LYS A 26 -3.06 -5.66 -1.31
C LYS A 26 -2.44 -4.28 -1.60
N CYS A 27 -1.39 -3.90 -0.92
CA CYS A 27 -0.77 -2.57 -1.21
C CYS A 27 -0.46 -2.49 -2.71
N ILE A 28 -0.43 -1.32 -3.28
CA ILE A 28 -0.16 -1.21 -4.74
C ILE A 28 1.33 -1.02 -5.04
N TYR A 29 1.89 0.08 -4.64
CA TYR A 29 3.34 0.36 -4.94
C TYR A 29 4.30 -0.50 -4.12
N ASN A 30 4.38 -1.78 -4.42
CA ASN A 30 5.33 -2.69 -3.69
C ASN A 30 5.53 -2.25 -2.25
N THR A 31 4.49 -2.09 -1.51
CA THR A 31 4.64 -1.65 -0.09
C THR A 31 4.00 -2.68 0.83
N ALA A 32 4.49 -2.80 2.04
CA ALA A 32 3.91 -3.80 2.99
C ALA A 32 3.46 -3.09 4.27
N GLY A 33 3.25 -3.83 5.32
CA GLY A 33 2.80 -3.21 6.59
C GLY A 33 1.28 -3.16 6.63
N PHE A 34 0.70 -3.16 7.80
CA PHE A 34 -0.78 -3.12 7.90
C PHE A 34 -1.34 -1.97 7.06
N TYR A 35 -0.63 -0.87 6.97
CA TYR A 35 -1.15 0.28 6.17
C TYR A 35 -0.16 0.60 5.05
N CYS A 36 0.41 -0.40 4.43
CA CYS A 36 1.38 -0.13 3.33
C CYS A 36 2.42 0.89 3.83
N ASP A 37 2.74 0.85 5.10
CA ASP A 37 3.73 1.82 5.65
C ASP A 37 5.14 1.24 5.53
N ARG A 38 5.29 0.16 4.80
CA ARG A 38 6.64 -0.43 4.66
C ARG A 38 6.91 -0.73 3.18
N CYS A 39 8.00 -1.37 2.91
CA CYS A 39 8.36 -1.70 1.50
C CYS A 39 8.46 -3.22 1.36
N LYS A 40 7.84 -3.80 0.37
CA LYS A 40 7.92 -5.29 0.23
C LYS A 40 9.40 -5.72 0.16
N GLU A 41 9.70 -6.87 0.70
CA GLU A 41 11.10 -7.36 0.69
C GLU A 41 11.60 -7.49 -0.74
N GLY A 42 12.74 -6.94 -1.04
CA GLY A 42 13.27 -7.00 -2.43
C GLY A 42 13.49 -5.58 -2.88
N PHE A 43 12.62 -4.70 -2.47
CA PHE A 43 12.80 -3.28 -2.82
C PHE A 43 12.77 -2.45 -1.56
N PHE A 44 13.75 -1.63 -1.41
CA PHE A 44 13.84 -0.75 -0.21
C PHE A 44 13.59 0.70 -0.63
N GLY A 45 13.47 1.61 0.30
CA GLY A 45 13.21 3.03 -0.07
C GLY A 45 12.11 3.61 0.82
N ASN A 46 11.31 4.47 0.27
CA ASN A 46 10.20 5.09 1.05
C ASN A 46 8.86 4.64 0.47
N PRO A 47 8.17 3.78 1.16
CA PRO A 47 6.88 3.25 0.69
C PRO A 47 5.78 4.31 0.85
N LEU A 48 6.07 5.41 1.48
CA LEU A 48 5.04 6.47 1.64
C LEU A 48 5.55 7.78 1.04
N ALA A 49 6.16 7.73 -0.12
CA ALA A 49 6.66 8.97 -0.76
C ALA A 49 5.58 9.53 -1.69
N PRO A 50 5.63 10.81 -1.94
CA PRO A 50 4.66 11.48 -2.81
C PRO A 50 4.98 11.15 -4.27
N ASN A 51 6.20 10.77 -4.55
CA ASN A 51 6.59 10.42 -5.94
C ASN A 51 6.59 8.90 -6.10
N PRO A 52 6.01 8.43 -7.17
CA PRO A 52 5.95 6.97 -7.45
C PRO A 52 7.32 6.46 -7.93
N ALA A 53 8.18 7.35 -8.38
CA ALA A 53 9.52 6.90 -8.85
C ALA A 53 10.53 7.03 -7.71
N ASP A 54 10.08 7.26 -6.50
CA ASP A 54 11.03 7.42 -5.37
C ASP A 54 10.53 6.62 -4.16
N LYS A 55 9.82 5.55 -4.38
CA LYS A 55 9.30 4.76 -3.22
C LYS A 55 10.23 3.57 -2.92
N CYS A 56 9.77 2.35 -3.05
CA CYS A 56 10.64 1.18 -2.74
C CYS A 56 11.18 0.58 -4.06
N LYS A 57 12.42 0.81 -4.35
CA LYS A 57 12.99 0.25 -5.62
C LYS A 57 13.91 -0.93 -5.27
N ALA A 58 14.35 -1.66 -6.26
CA ALA A 58 15.23 -2.82 -5.99
C ALA A 58 16.68 -2.34 -5.86
N ARG A 1 -16.88 8.47 1.89
CA ARG A 1 -15.51 7.93 2.09
C ARG A 1 -15.56 6.74 3.07
N PRO A 2 -15.78 5.57 2.52
CA PRO A 2 -15.85 4.34 3.32
C PRO A 2 -14.44 3.85 3.69
N CYS A 3 -13.74 3.28 2.75
CA CYS A 3 -12.36 2.79 3.03
C CYS A 3 -11.42 3.99 3.13
N GLN A 4 -10.38 3.88 3.90
CA GLN A 4 -9.43 5.02 4.03
C GLN A 4 -8.06 4.53 4.50
N CYS A 5 -7.08 4.59 3.64
CA CYS A 5 -5.70 4.17 4.02
C CYS A 5 -4.72 4.68 2.97
N ASN A 6 -3.44 4.58 3.24
CA ASN A 6 -2.43 5.08 2.27
C ASN A 6 -2.88 4.72 0.84
N ASP A 7 -2.56 5.54 -0.12
CA ASP A 7 -2.99 5.24 -1.52
C ASP A 7 -2.05 4.22 -2.16
N ASN A 8 -2.09 2.99 -1.71
CA ASN A 8 -1.20 1.95 -2.32
C ASN A 8 -1.98 0.64 -2.46
N ILE A 9 -2.99 0.65 -3.28
CA ILE A 9 -3.80 -0.59 -3.49
C ILE A 9 -4.44 -0.50 -4.88
N ASP A 10 -5.23 -1.46 -5.26
CA ASP A 10 -5.86 -1.40 -6.62
C ASP A 10 -7.36 -1.08 -6.45
N PRO A 11 -7.75 0.09 -6.89
CA PRO A 11 -9.15 0.54 -6.80
C PRO A 11 -10.02 -0.11 -7.88
N ASN A 12 -9.40 -0.81 -8.79
CA ASN A 12 -10.18 -1.47 -9.87
C ASN A 12 -10.81 -2.75 -9.32
N ALA A 13 -10.03 -3.78 -9.12
CA ALA A 13 -10.59 -5.04 -8.58
C ALA A 13 -11.24 -4.77 -7.22
N VAL A 14 -11.57 -5.80 -6.50
CA VAL A 14 -12.19 -5.59 -5.16
C VAL A 14 -11.41 -6.37 -4.10
N GLY A 15 -11.50 -5.98 -2.87
CA GLY A 15 -10.77 -6.70 -1.79
C GLY A 15 -9.53 -5.89 -1.38
N ASN A 16 -9.07 -5.01 -2.23
CA ASN A 16 -7.87 -4.19 -1.88
C ASN A 16 -8.06 -3.50 -0.52
N CYS A 17 -9.28 -3.43 -0.03
CA CYS A 17 -9.50 -2.78 1.29
C CYS A 17 -10.16 -3.79 2.24
N ASN A 18 -9.91 -3.69 3.53
CA ASN A 18 -10.53 -4.66 4.47
C ASN A 18 -12.00 -4.25 4.68
N ARG A 19 -12.91 -5.16 4.47
CA ARG A 19 -14.36 -4.83 4.61
C ARG A 19 -14.74 -4.54 6.07
N LEU A 20 -14.21 -5.29 7.00
CA LEU A 20 -14.60 -5.05 8.44
C LEU A 20 -13.58 -4.13 9.14
N THR A 21 -12.35 -4.08 8.69
CA THR A 21 -11.36 -3.18 9.37
C THR A 21 -11.34 -1.82 8.68
N GLY A 22 -11.56 -1.78 7.39
CA GLY A 22 -11.53 -0.48 6.68
C GLY A 22 -10.07 0.01 6.59
N GLU A 23 -9.21 -0.72 5.92
CA GLU A 23 -7.79 -0.29 5.84
C GLU A 23 -7.13 -0.98 4.63
N CYS A 24 -6.05 -0.47 4.14
CA CYS A 24 -5.38 -1.12 2.98
C CYS A 24 -5.05 -2.58 3.34
N LEU A 25 -5.66 -3.53 2.67
CA LEU A 25 -5.39 -4.97 3.00
C LEU A 25 -4.35 -5.54 2.02
N LYS A 26 -4.38 -5.11 0.79
CA LYS A 26 -3.41 -5.65 -0.22
C LYS A 26 -2.59 -4.50 -0.84
N CYS A 27 -1.53 -4.06 -0.20
CA CYS A 27 -0.73 -2.95 -0.79
C CYS A 27 -0.32 -3.33 -2.23
N ILE A 28 -0.03 -2.37 -3.08
CA ILE A 28 0.35 -2.71 -4.48
C ILE A 28 1.84 -2.49 -4.76
N TYR A 29 2.30 -1.28 -4.69
CA TYR A 29 3.74 -0.97 -5.01
C TYR A 29 4.71 -1.74 -4.10
N ASN A 30 4.97 -2.99 -4.44
CA ASN A 30 5.93 -3.85 -3.67
C ASN A 30 6.09 -3.33 -2.24
N THR A 31 5.02 -3.12 -1.54
CA THR A 31 5.14 -2.62 -0.15
C THR A 31 4.46 -3.59 0.82
N ALA A 32 4.94 -3.65 2.03
CA ALA A 32 4.33 -4.59 3.02
C ALA A 32 3.81 -3.82 4.24
N GLY A 33 3.19 -4.51 5.16
CA GLY A 33 2.66 -3.83 6.38
C GLY A 33 1.16 -3.64 6.23
N PHE A 34 0.45 -3.59 7.32
CA PHE A 34 -1.03 -3.40 7.24
C PHE A 34 -1.35 -2.11 6.46
N TYR A 35 -0.51 -1.11 6.54
CA TYR A 35 -0.78 0.16 5.80
C TYR A 35 0.34 0.39 4.79
N CYS A 36 1.04 -0.65 4.39
CA CYS A 36 2.15 -0.46 3.43
C CYS A 36 3.19 0.46 4.08
N ASP A 37 3.75 0.06 5.18
CA ASP A 37 4.73 0.92 5.89
C ASP A 37 6.16 0.65 5.40
N ARG A 38 6.43 -0.49 4.82
CA ARG A 38 7.81 -0.76 4.37
C ARG A 38 7.78 -1.28 2.94
N CYS A 39 8.92 -1.68 2.44
CA CYS A 39 9.00 -2.21 1.06
C CYS A 39 9.35 -3.71 1.17
N LYS A 40 8.73 -4.56 0.40
CA LYS A 40 9.05 -6.02 0.52
C LYS A 40 10.56 -6.23 0.34
N GLU A 41 11.07 -7.31 0.87
CA GLU A 41 12.53 -7.59 0.74
C GLU A 41 12.89 -7.68 -0.75
N GLY A 42 13.84 -6.89 -1.18
CA GLY A 42 14.22 -6.91 -2.62
C GLY A 42 14.05 -5.49 -3.15
N PHE A 43 13.13 -4.78 -2.59
CA PHE A 43 12.93 -3.37 -3.01
C PHE A 43 12.96 -2.49 -1.78
N PHE A 44 13.77 -1.48 -1.85
CA PHE A 44 13.89 -0.51 -0.72
C PHE A 44 13.25 0.80 -1.14
N GLY A 45 13.63 1.89 -0.54
CA GLY A 45 13.02 3.19 -0.95
C GLY A 45 12.17 3.76 0.19
N ASN A 46 11.16 4.53 -0.14
CA ASN A 46 10.30 5.13 0.91
C ASN A 46 8.83 4.97 0.54
N PRO A 47 8.15 4.05 1.19
CA PRO A 47 6.73 3.81 0.94
C PRO A 47 5.88 4.88 1.63
N LEU A 48 6.52 5.83 2.28
CA LEU A 48 5.77 6.91 2.97
C LEU A 48 5.97 8.21 2.19
N ALA A 49 6.00 8.14 0.89
CA ALA A 49 6.18 9.36 0.07
C ALA A 49 4.90 9.66 -0.70
N PRO A 50 4.64 10.92 -0.93
CA PRO A 50 3.44 11.36 -1.67
C PRO A 50 3.61 11.05 -3.16
N ASN A 51 4.82 11.05 -3.63
CA ASN A 51 5.05 10.75 -5.07
C ASN A 51 5.51 9.30 -5.22
N PRO A 52 5.04 8.64 -6.24
CA PRO A 52 5.41 7.23 -6.51
C PRO A 52 6.83 7.15 -7.07
N ALA A 53 7.41 8.27 -7.45
CA ALA A 53 8.79 8.22 -8.00
C ALA A 53 9.78 8.00 -6.86
N ASP A 54 9.37 8.25 -5.64
CA ASP A 54 10.27 8.03 -4.49
C ASP A 54 9.68 6.95 -3.58
N LYS A 55 8.95 6.04 -4.14
CA LYS A 55 8.33 4.95 -3.34
C LYS A 55 9.33 3.80 -3.19
N CYS A 56 8.88 2.57 -3.28
CA CYS A 56 9.83 1.44 -3.15
C CYS A 56 10.34 1.03 -4.54
N LYS A 57 11.41 0.30 -4.61
CA LYS A 57 11.95 -0.12 -5.94
C LYS A 57 13.29 -0.85 -5.73
N ALA A 58 14.02 -1.07 -6.78
CA ALA A 58 15.33 -1.76 -6.66
C ALA A 58 16.42 -0.74 -6.33
N ARG A 1 -18.66 4.44 6.47
CA ARG A 1 -17.93 3.17 6.18
C ARG A 1 -16.44 3.50 5.98
N PRO A 2 -15.59 2.83 6.74
CA PRO A 2 -14.14 3.04 6.65
C PRO A 2 -13.58 2.36 5.39
N CYS A 3 -13.11 1.15 5.53
CA CYS A 3 -12.57 0.42 4.34
C CYS A 3 -11.58 1.31 3.57
N GLN A 4 -12.07 2.11 2.65
CA GLN A 4 -11.18 2.99 1.84
C GLN A 4 -10.05 3.55 2.71
N CYS A 5 -8.84 3.44 2.25
CA CYS A 5 -7.69 3.97 3.04
C CYS A 5 -6.57 4.41 2.08
N ASN A 6 -6.36 5.68 1.94
CA ASN A 6 -5.29 6.17 1.01
C ASN A 6 -3.95 5.53 1.36
N ASP A 7 -2.88 6.05 0.78
CA ASP A 7 -1.49 5.52 1.03
C ASP A 7 -1.02 4.67 -0.16
N ASN A 8 -1.06 3.37 -0.05
CA ASN A 8 -0.61 2.51 -1.18
C ASN A 8 -1.75 1.60 -1.62
N ILE A 9 -2.79 2.17 -2.17
CA ILE A 9 -3.93 1.32 -2.63
C ILE A 9 -4.44 1.84 -3.97
N ASP A 10 -5.18 1.03 -4.67
CA ASP A 10 -5.72 1.46 -5.99
C ASP A 10 -7.23 1.73 -5.85
N PRO A 11 -7.63 2.94 -6.12
CA PRO A 11 -9.04 3.37 -6.01
C PRO A 11 -9.85 2.87 -7.20
N ASN A 12 -9.22 2.25 -8.15
CA ASN A 12 -9.96 1.74 -9.34
C ASN A 12 -10.69 0.44 -8.98
N ALA A 13 -9.96 -0.62 -8.76
CA ALA A 13 -10.64 -1.91 -8.42
C ALA A 13 -11.25 -1.83 -7.02
N VAL A 14 -12.03 -2.82 -6.65
CA VAL A 14 -12.67 -2.82 -5.30
C VAL A 14 -12.05 -3.93 -4.45
N GLY A 15 -12.26 -3.90 -3.16
CA GLY A 15 -11.66 -4.95 -2.29
C GLY A 15 -10.36 -4.43 -1.68
N ASN A 16 -10.03 -3.17 -1.90
CA ASN A 16 -8.76 -2.62 -1.34
C ASN A 16 -8.77 -2.63 0.20
N CYS A 17 -9.83 -3.07 0.82
CA CYS A 17 -9.85 -3.08 2.31
C CYS A 17 -10.24 -4.47 2.81
N ASN A 18 -9.91 -4.81 4.04
CA ASN A 18 -10.31 -6.14 4.58
C ASN A 18 -11.82 -6.13 4.82
N ARG A 19 -12.54 -7.10 4.33
CA ARG A 19 -14.02 -7.10 4.52
C ARG A 19 -14.41 -7.07 6.01
N LEU A 20 -13.68 -7.72 6.86
CA LEU A 20 -14.08 -7.74 8.31
C LEU A 20 -13.27 -6.74 9.15
N THR A 21 -12.01 -6.51 8.84
CA THR A 21 -11.22 -5.56 9.66
C THR A 21 -11.46 -4.12 9.19
N GLY A 22 -11.67 -3.91 7.91
CA GLY A 22 -11.89 -2.52 7.41
C GLY A 22 -10.57 -1.76 7.45
N GLU A 23 -9.61 -2.14 6.64
CA GLU A 23 -8.29 -1.45 6.64
C GLU A 23 -7.55 -1.80 5.34
N CYS A 24 -6.57 -1.01 4.96
CA CYS A 24 -5.83 -1.31 3.71
C CYS A 24 -5.44 -2.80 3.73
N LEU A 25 -5.89 -3.54 2.76
CA LEU A 25 -5.60 -4.99 2.74
C LEU A 25 -4.95 -5.40 1.40
N LYS A 26 -4.47 -4.44 0.64
CA LYS A 26 -3.80 -4.77 -0.67
C LYS A 26 -2.90 -3.61 -1.11
N CYS A 27 -1.73 -3.48 -0.53
CA CYS A 27 -0.82 -2.36 -0.91
C CYS A 27 -0.51 -2.42 -2.42
N ILE A 28 -0.17 -1.30 -3.03
CA ILE A 28 0.12 -1.30 -4.50
C ILE A 28 1.60 -1.05 -4.79
N TYR A 29 2.10 0.11 -4.45
CA TYR A 29 3.53 0.48 -4.76
C TYR A 29 4.55 -0.36 -3.96
N ASN A 30 4.71 -1.60 -4.29
CA ASN A 30 5.72 -2.47 -3.60
C ASN A 30 5.87 -2.09 -2.13
N THR A 31 4.80 -2.03 -1.40
CA THR A 31 4.92 -1.67 0.05
C THR A 31 4.32 -2.79 0.88
N ALA A 32 4.89 -3.06 2.03
CA ALA A 32 4.34 -4.16 2.88
C ALA A 32 4.01 -3.63 4.28
N GLY A 33 3.28 -4.39 5.05
CA GLY A 33 2.91 -3.92 6.42
C GLY A 33 1.40 -3.86 6.55
N PHE A 34 0.88 -3.96 7.75
CA PHE A 34 -0.59 -3.91 7.94
C PHE A 34 -1.16 -2.61 7.34
N TYR A 35 -0.39 -1.55 7.34
CA TYR A 35 -0.90 -0.25 6.76
C TYR A 35 -0.04 0.15 5.56
N CYS A 36 0.51 -0.81 4.87
CA CYS A 36 1.36 -0.48 3.68
C CYS A 36 2.39 0.58 4.06
N ASP A 37 3.00 0.45 5.20
CA ASP A 37 4.01 1.46 5.62
C ASP A 37 5.42 0.85 5.54
N ARG A 38 5.57 -0.19 4.76
CA ARG A 38 6.91 -0.82 4.64
C ARG A 38 7.23 -1.00 3.15
N CYS A 39 8.36 -1.56 2.86
CA CYS A 39 8.77 -1.76 1.45
C CYS A 39 9.00 -3.26 1.22
N LYS A 40 8.53 -3.80 0.11
CA LYS A 40 8.72 -5.26 -0.13
C LYS A 40 10.21 -5.61 -0.05
N GLU A 41 10.52 -6.71 0.59
CA GLU A 41 11.94 -7.13 0.73
C GLU A 41 12.56 -7.36 -0.65
N GLY A 42 13.70 -6.79 -0.91
CA GLY A 42 14.33 -6.96 -2.24
C GLY A 42 14.54 -5.59 -2.82
N PHE A 43 13.63 -4.70 -2.52
CA PHE A 43 13.78 -3.31 -2.99
C PHE A 43 13.56 -2.39 -1.81
N PHE A 44 14.43 -1.46 -1.65
CA PHE A 44 14.32 -0.49 -0.52
C PHE A 44 13.87 0.86 -1.08
N GLY A 45 13.72 1.85 -0.24
CA GLY A 45 13.27 3.18 -0.75
C GLY A 45 12.14 3.71 0.12
N ASN A 46 11.22 4.41 -0.48
CA ASN A 46 10.08 4.97 0.31
C ASN A 46 8.76 4.37 -0.22
N PRO A 47 8.14 3.56 0.60
CA PRO A 47 6.86 2.91 0.24
C PRO A 47 5.69 3.87 0.38
N LEU A 48 5.79 4.82 1.27
CA LEU A 48 4.68 5.80 1.46
C LEU A 48 5.12 7.19 1.01
N ALA A 49 5.76 7.29 -0.13
CA ALA A 49 6.19 8.63 -0.62
C ALA A 49 5.07 9.24 -1.45
N PRO A 50 5.05 10.54 -1.51
CA PRO A 50 4.03 11.28 -2.28
C PRO A 50 4.32 11.11 -3.76
N ASN A 51 5.57 10.99 -4.10
CA ASN A 51 5.96 10.80 -5.52
C ASN A 51 6.27 9.32 -5.75
N PRO A 52 5.84 8.79 -6.87
CA PRO A 52 6.09 7.39 -7.21
C PRO A 52 7.55 7.20 -7.65
N ALA A 53 8.34 8.25 -7.65
CA ALA A 53 9.77 8.12 -8.06
C ALA A 53 10.59 7.62 -6.86
N ASP A 54 10.03 7.68 -5.68
CA ASP A 54 10.78 7.23 -4.48
C ASP A 54 10.13 5.95 -3.93
N LYS A 55 9.74 5.06 -4.81
CA LYS A 55 9.09 3.80 -4.34
C LYS A 55 10.14 2.92 -3.66
N CYS A 56 9.92 1.63 -3.64
CA CYS A 56 10.90 0.69 -3.03
C CYS A 56 11.69 0.03 -4.16
N LYS A 57 12.80 0.61 -4.56
CA LYS A 57 13.59 0.00 -5.67
C LYS A 57 14.95 -0.45 -5.13
N ALA A 58 15.76 -1.06 -5.95
CA ALA A 58 17.10 -1.53 -5.49
C ALA A 58 18.05 -0.33 -5.40
#